data_2RCC
#
_entry.id   2RCC
#
_cell.length_a   175.260
_cell.length_b   72.780
_cell.length_c   111.770
_cell.angle_alpha   90.000
_cell.angle_beta   124.900
_cell.angle_gamma   90.000
#
_symmetry.space_group_name_H-M   'C 1 2 1'
#
loop_
_entity.id
_entity.type
_entity.pdbx_description
1 polymer 'Ribonucleoside-diphosphate reductase subunit beta'
2 non-polymer 'TETRAETHYLENE GLYCOL'
3 non-polymer DI(HYDROXYETHYL)ETHER
4 non-polymer 'ZINC ION'
5 non-polymer 1,2-ETHANEDIOL
6 non-polymer 'TRIETHYLENE GLYCOL'
7 non-polymer GLYCEROL
8 water water
#
_entity_poly.entity_id   1
_entity_poly.type   'polypeptide(L)'
_entity_poly.pdbx_seq_one_letter_code
;G(MSE)EQLQKRKIYDTTASNASTGILNGKSSNVLNWDDVRFSWAYPLYKN(MSE)LANFWTPFEIN(MSE)SHDAKQFP
TLTETEQEAFKKIIGLLAFLDSVQTDYS(MSE)RAAEYLTDSSLAAL(MSE)SVLSFQEVVHNQSYSYVLSSLVPKATQD
EIFEYWKHDDVLKERNEFIIDGYEKFVDNPTPKTFLESIVYDVILEGLNFYSGFAFFYNLARNQK(MSE)VSTST(MSE)
INYINRDEQLHVYLFTNIFKELLVEFPELNTEETKTFVKTTL(MSE)KAADLEKDWFRYIIGDKIPGINPED(MSE)ETY
ISFIANKRAVQLG(MSE)EKPYPEIKHNP(MSE)KWIRAYEDVNSGKSDFFEQKSRQYAKVSADNGFDEL
;
_entity_poly.pdbx_strand_id   A,B,C
#
# COMPACT_ATOMS: atom_id res chain seq x y z
N GLY A 1 -9.43 17.67 15.95
CA GLY A 1 -8.14 17.71 15.22
C GLY A 1 -8.20 16.71 14.08
N GLU A 3 -8.92 13.23 12.04
CA GLU A 3 -10.00 12.23 11.94
C GLU A 3 -9.54 10.92 12.59
N GLN A 4 -10.43 10.21 13.30
CA GLN A 4 -10.00 8.91 13.86
C GLN A 4 -10.04 7.85 12.77
N LEU A 5 -9.17 6.86 12.90
CA LEU A 5 -9.05 5.79 11.91
C LEU A 5 -10.10 4.73 12.06
N GLN A 6 -10.53 4.17 10.93
CA GLN A 6 -11.48 3.11 10.91
C GLN A 6 -10.68 1.86 10.64
N LYS A 7 -10.97 0.79 11.37
CA LYS A 7 -10.32 -0.47 11.13
C LYS A 7 -10.59 -0.99 9.74
N ARG A 8 -9.63 -1.75 9.20
CA ARG A 8 -9.81 -2.41 7.90
C ARG A 8 -10.97 -3.38 7.94
N LYS A 9 -11.82 -3.29 6.93
CA LYS A 9 -12.94 -4.22 6.78
C LYS A 9 -12.40 -5.52 6.21
N ILE A 10 -12.82 -6.63 6.77
CA ILE A 10 -12.37 -7.94 6.30
C ILE A 10 -12.96 -8.29 4.91
N TYR A 11 -14.00 -7.57 4.50
CA TYR A 11 -14.75 -7.79 3.26
C TYR A 11 -15.55 -6.53 2.91
N ASP A 12 -15.35 -5.99 1.72
CA ASP A 12 -16.09 -4.81 1.25
C ASP A 12 -16.36 -4.95 -0.27
N THR A 13 -17.60 -5.26 -0.61
CA THR A 13 -18.00 -5.41 -2.03
C THR A 13 -18.07 -4.08 -2.79
N THR A 14 -18.23 -2.98 -2.07
CA THR A 14 -18.30 -1.66 -2.65
C THR A 14 -16.91 -1.11 -3.08
N ALA A 15 -15.80 -1.78 -2.72
CA ALA A 15 -14.48 -1.28 -3.01
C ALA A 15 -13.72 -2.08 -4.08
N SER A 16 -12.70 -1.45 -4.65
CA SER A 16 -11.78 -2.06 -5.59
C SER A 16 -10.72 -2.92 -4.84
N ASN A 17 -10.07 -3.84 -5.56
CA ASN A 17 -9.02 -4.68 -4.97
C ASN A 17 -7.79 -3.87 -4.66
N ALA A 18 -7.45 -2.90 -5.53
CA ALA A 18 -6.34 -1.99 -5.32
C ALA A 18 -6.84 -0.88 -4.38
N SER A 19 -6.11 -0.66 -3.30
CA SER A 19 -6.47 0.32 -2.29
C SER A 19 -6.51 1.74 -2.81
N THR A 20 -7.43 2.55 -2.30
CA THR A 20 -7.46 3.97 -2.57
C THR A 20 -6.75 4.77 -1.46
N GLY A 21 -6.13 4.13 -0.48
CA GLY A 21 -5.48 4.90 0.57
C GLY A 21 -5.00 3.98 1.66
N ILE A 22 -3.88 4.33 2.27
CA ILE A 22 -3.25 3.53 3.33
C ILE A 22 -4.05 3.52 4.64
N LEU A 23 -4.64 4.65 5.02
CA LEU A 23 -5.47 4.77 6.20
C LEU A 23 -6.79 5.40 5.80
N ASN A 24 -7.90 4.93 6.36
CA ASN A 24 -9.22 5.42 6.00
C ASN A 24 -9.49 5.37 4.47
N GLY A 25 -8.95 4.37 3.76
CA GLY A 25 -9.21 4.21 2.34
C GLY A 25 -10.27 3.16 2.14
N LYS A 26 -10.43 2.74 0.88
CA LYS A 26 -11.36 1.70 0.51
C LYS A 26 -10.54 0.60 -0.15
N SER A 27 -10.86 -0.64 0.21
CA SER A 27 -10.22 -1.85 -0.27
C SER A 27 -11.22 -2.99 -0.14
N SER A 28 -11.28 -3.86 -1.13
CA SER A 28 -12.14 -5.01 -1.03
C SER A 28 -11.72 -6.05 -0.02
N ASN A 29 -10.41 -6.08 0.20
CA ASN A 29 -9.67 -7.03 1.03
C ASN A 29 -9.36 -8.37 0.29
N VAL A 30 -9.69 -8.45 -1.00
CA VAL A 30 -9.32 -9.56 -1.84
C VAL A 30 -8.06 -9.08 -2.54
N LEU A 31 -6.96 -9.82 -2.33
CA LEU A 31 -5.63 -9.46 -2.79
C LEU A 31 -5.19 -10.18 -4.07
N ASN A 32 -5.16 -9.39 -5.14
CA ASN A 32 -4.61 -9.75 -6.44
C ASN A 32 -3.23 -9.07 -6.46
N TRP A 33 -2.16 -9.85 -6.33
CA TRP A 33 -0.81 -9.29 -6.29
C TRP A 33 -0.39 -8.53 -7.57
N ASP A 34 -1.05 -8.81 -8.70
CA ASP A 34 -0.85 -8.08 -9.95
C ASP A 34 -1.74 -6.82 -10.09
N ASP A 35 -2.45 -6.42 -9.03
CA ASP A 35 -3.31 -5.23 -9.06
C ASP A 35 -3.34 -4.62 -7.68
N VAL A 36 -2.23 -3.96 -7.31
CA VAL A 36 -2.06 -3.33 -5.99
C VAL A 36 -1.76 -1.84 -6.14
N ARG A 37 -1.93 -1.10 -5.06
CA ARG A 37 -1.74 0.33 -5.10
C ARG A 37 -0.31 0.77 -5.31
N PHE A 38 0.64 0.12 -4.66
CA PHE A 38 2.07 0.46 -4.75
C PHE A 38 2.88 -0.54 -5.56
N SER A 39 3.57 -0.01 -6.56
CA SER A 39 4.40 -0.83 -7.47
C SER A 39 5.62 -1.46 -6.80
N TRP A 40 5.97 -1.00 -5.61
CA TRP A 40 7.04 -1.59 -4.82
C TRP A 40 6.59 -2.73 -3.88
N ALA A 41 5.28 -2.94 -3.71
CA ALA A 41 4.79 -3.96 -2.74
C ALA A 41 5.08 -5.37 -3.19
N TYR A 42 4.84 -5.71 -4.46
CA TYR A 42 5.04 -7.10 -4.94
C TYR A 42 6.51 -7.44 -5.01
N PRO A 43 7.35 -6.54 -5.58
CA PRO A 43 8.78 -6.76 -5.49
C PRO A 43 9.32 -6.94 -4.07
N LEU A 44 8.81 -6.18 -3.10
CA LEU A 44 9.21 -6.36 -1.70
C LEU A 44 8.80 -7.76 -1.17
N TYR A 45 7.56 -8.16 -1.40
CA TYR A 45 7.14 -9.50 -1.05
C TYR A 45 8.07 -10.57 -1.60
N LYS A 46 8.38 -10.46 -2.88
CA LYS A 46 9.25 -11.42 -3.59
C LYS A 46 10.67 -11.48 -2.99
N ASN A 47 11.20 -10.32 -2.57
CA ASN A 47 12.52 -10.28 -1.96
CA ASN A 47 12.51 -10.20 -1.93
C ASN A 47 12.47 -10.90 -0.58
N LEU A 49 10.39 -13.30 0.45
CA LEU A 49 10.17 -14.73 0.22
C LEU A 49 11.45 -15.42 -0.27
N ALA A 50 12.21 -14.75 -1.15
CA ALA A 50 13.51 -15.26 -1.60
C ALA A 50 14.56 -15.41 -0.47
N ASN A 51 14.45 -14.58 0.56
CA ASN A 51 15.33 -14.60 1.69
C ASN A 51 14.94 -15.58 2.81
N PHE A 52 14.06 -16.56 2.55
CA PHE A 52 13.61 -17.46 3.61
C PHE A 52 14.81 -18.18 4.28
N TRP A 53 14.79 -18.26 5.61
CA TRP A 53 15.81 -18.99 6.37
C TRP A 53 15.19 -19.42 7.68
N THR A 54 15.74 -20.45 8.31
CA THR A 54 15.33 -20.82 9.65
C THR A 54 16.59 -21.14 10.44
N PRO A 55 16.52 -21.02 11.75
CA PRO A 55 17.75 -21.35 12.51
C PRO A 55 18.18 -22.82 12.44
N PHE A 56 17.30 -23.72 12.01
CA PHE A 56 17.61 -25.12 11.93
C PHE A 56 18.61 -25.48 10.84
N GLU A 57 18.88 -24.59 9.90
CA GLU A 57 19.86 -24.80 8.87
C GLU A 57 21.28 -24.40 9.38
N ILE A 58 21.39 -23.82 10.58
CA ILE A 58 22.67 -23.34 11.14
C ILE A 58 23.16 -24.24 12.27
N ASN A 59 24.33 -24.83 12.09
CA ASN A 59 24.90 -25.75 13.06
C ASN A 59 25.72 -24.96 14.09
N SER A 61 27.61 -26.25 16.71
CA SER A 61 28.66 -27.05 17.37
C SER A 61 29.97 -26.34 17.56
N HIS A 62 30.43 -25.64 16.51
CA HIS A 62 31.73 -24.96 16.57
C HIS A 62 31.61 -23.76 17.50
N ASP A 63 30.54 -22.98 17.38
CA ASP A 63 30.29 -21.92 18.32
C ASP A 63 30.31 -22.47 19.76
N ALA A 64 29.64 -23.60 20.00
CA ALA A 64 29.58 -24.26 21.30
C ALA A 64 30.99 -24.59 21.84
N LYS A 65 31.85 -25.11 20.97
CA LYS A 65 33.22 -25.41 21.34
C LYS A 65 34.05 -24.14 21.53
N GLN A 66 33.82 -23.10 20.72
CA GLN A 66 34.59 -21.84 20.88
C GLN A 66 34.19 -20.99 22.08
N PHE A 67 32.92 -21.11 22.51
CA PHE A 67 32.39 -20.22 23.55
C PHE A 67 33.22 -20.09 24.83
N PRO A 68 33.68 -21.23 25.41
CA PRO A 68 34.59 -21.18 26.57
C PRO A 68 35.94 -20.54 26.32
N THR A 69 36.38 -20.45 25.05
CA THR A 69 37.67 -19.86 24.69
C THR A 69 37.63 -18.32 24.74
N LEU A 70 36.43 -17.72 24.79
CA LEU A 70 36.28 -16.26 24.86
CA LEU A 70 36.26 -16.27 24.86
C LEU A 70 36.65 -15.78 26.25
N THR A 71 36.98 -14.49 26.37
CA THR A 71 37.32 -13.91 27.68
C THR A 71 36.08 -13.95 28.59
N GLU A 72 36.26 -13.85 29.91
CA GLU A 72 35.10 -13.83 30.81
C GLU A 72 34.14 -12.69 30.48
N THR A 73 34.70 -11.52 30.17
CA THR A 73 33.88 -10.37 29.85
CA THR A 73 33.88 -10.34 29.82
C THR A 73 33.11 -10.59 28.53
N GLU A 74 33.76 -11.24 27.54
CA GLU A 74 33.10 -11.56 26.27
C GLU A 74 31.93 -12.56 26.46
N GLN A 75 32.16 -13.59 27.27
CA GLN A 75 31.12 -14.59 27.57
C GLN A 75 29.94 -13.96 28.29
N GLU A 76 30.24 -13.12 29.27
CA GLU A 76 29.19 -12.40 29.99
C GLU A 76 28.37 -11.45 29.13
N ALA A 77 29.04 -10.66 28.30
CA ALA A 77 28.36 -9.74 27.38
C ALA A 77 27.48 -10.50 26.41
N PHE A 78 28.00 -11.60 25.88
CA PHE A 78 27.26 -12.46 24.96
C PHE A 78 25.99 -12.98 25.62
N LYS A 79 26.11 -13.55 26.82
CA LYS A 79 24.95 -14.09 27.56
C LYS A 79 23.91 -13.03 27.82
N LYS A 80 24.38 -11.86 28.25
CA LYS A 80 23.50 -10.73 28.53
C LYS A 80 22.76 -10.26 27.30
N ILE A 81 23.47 -10.12 26.19
CA ILE A 81 22.87 -9.63 24.94
C ILE A 81 21.93 -10.68 24.30
N ILE A 82 22.41 -11.89 24.09
CA ILE A 82 21.56 -12.95 23.49
C ILE A 82 20.37 -13.25 24.42
N GLY A 83 20.62 -13.27 25.75
CA GLY A 83 19.60 -13.47 26.78
C GLY A 83 18.49 -12.41 26.71
N LEU A 84 18.87 -11.14 26.57
CA LEU A 84 17.92 -10.03 26.47
C LEU A 84 17.10 -10.17 25.18
N LEU A 85 17.80 -10.40 24.07
CA LEU A 85 17.14 -10.61 22.77
C LEU A 85 16.13 -11.77 22.82
N ALA A 86 16.50 -12.87 23.47
CA ALA A 86 15.61 -14.00 23.66
C ALA A 86 14.46 -13.65 24.63
N PHE A 87 14.76 -12.87 25.68
CA PHE A 87 13.78 -12.45 26.71
C PHE A 87 12.71 -11.48 26.24
N LEU A 88 13.04 -10.59 25.30
CA LEU A 88 12.10 -9.56 24.84
C LEU A 88 10.76 -10.05 24.27
N ASP A 89 10.67 -11.29 23.80
CA ASP A 89 9.37 -11.84 23.42
C ASP A 89 8.38 -11.75 24.59
N SER A 90 8.87 -12.12 25.80
CA SER A 90 8.11 -12.14 27.06
C SER A 90 7.45 -10.83 27.48
N VAL A 91 8.24 -9.75 27.55
CA VAL A 91 7.77 -8.44 28.00
C VAL A 91 7.94 -7.38 26.90
N GLN A 92 7.06 -7.47 25.90
CA GLN A 92 7.00 -6.52 24.77
C GLN A 92 5.63 -6.65 24.09
N THR A 93 4.75 -5.67 24.35
CA THR A 93 3.40 -5.66 23.80
C THR A 93 3.41 -5.33 22.29
N ASP A 94 2.64 -6.10 21.51
CA ASP A 94 2.64 -5.95 20.05
C ASP A 94 1.69 -4.82 19.54
N TYR A 95 2.13 -3.59 19.78
CA TYR A 95 1.43 -2.41 19.33
C TYR A 95 1.48 -2.28 17.80
N SER A 96 2.57 -2.74 17.19
CA SER A 96 2.69 -2.65 15.70
C SER A 96 1.55 -3.38 15.01
N ARG A 98 -1.45 -4.21 16.42
CA ARG A 98 -2.72 -3.52 16.70
C ARG A 98 -2.89 -2.34 15.73
N ALA A 99 -1.79 -1.64 15.39
CA ALA A 99 -1.85 -0.52 14.43
C ALA A 99 -2.08 -1.05 13.02
N ALA A 100 -1.53 -2.22 12.75
CA ALA A 100 -1.65 -2.88 11.44
C ALA A 100 -3.10 -3.13 11.05
N GLU A 101 -3.98 -3.34 12.03
CA GLU A 101 -5.41 -3.54 11.77
C GLU A 101 -6.13 -2.33 11.09
N TYR A 102 -5.48 -1.16 11.08
CA TYR A 102 -6.00 0.09 10.47
C TYR A 102 -5.48 0.34 9.07
N LEU A 103 -4.58 -0.51 8.58
CA LEU A 103 -4.12 -0.37 7.21
C LEU A 103 -5.21 -0.80 6.24
N THR A 104 -5.67 0.11 5.39
CA THR A 104 -6.76 -0.19 4.43
C THR A 104 -6.18 -0.49 3.06
N ASP A 105 -5.15 -1.35 3.05
CA ASP A 105 -4.51 -1.86 1.83
C ASP A 105 -4.21 -3.29 2.14
N SER A 106 -4.77 -4.19 1.33
CA SER A 106 -4.63 -5.63 1.56
C SER A 106 -3.21 -6.11 1.36
N SER A 107 -2.48 -5.50 0.42
CA SER A 107 -1.08 -5.85 0.17
C SER A 107 -0.20 -5.47 1.36
N LEU A 108 -0.42 -4.31 1.96
CA LEU A 108 0.35 -3.92 3.13
C LEU A 108 -0.03 -4.79 4.34
N ALA A 109 -1.32 -5.10 4.51
CA ALA A 109 -1.75 -6.02 5.58
C ALA A 109 -1.06 -7.35 5.43
N ALA A 110 -0.96 -7.87 4.19
CA ALA A 110 -0.27 -9.15 3.96
C ALA A 110 1.22 -9.06 4.33
N LEU A 111 1.86 -7.97 3.98
CA LEU A 111 3.28 -7.80 4.30
C LEU A 111 3.48 -7.73 5.82
N SER A 113 1.72 -9.45 7.92
CA SER A 113 1.67 -10.85 8.29
C SER A 113 3.06 -11.53 8.10
N VAL A 114 3.69 -11.27 6.95
CA VAL A 114 5.01 -11.80 6.67
C VAL A 114 5.99 -11.25 7.72
N LEU A 115 5.89 -9.98 8.10
CA LEU A 115 6.79 -9.39 9.13
C LEU A 115 6.64 -10.07 10.48
N SER A 116 5.39 -10.28 10.89
CA SER A 116 5.07 -10.88 12.17
C SER A 116 5.68 -12.30 12.29
N PHE A 117 5.49 -13.08 11.25
CA PHE A 117 6.08 -14.39 11.11
C PHE A 117 7.65 -14.34 11.24
N GLN A 118 8.26 -13.42 10.51
CA GLN A 118 9.72 -13.22 10.58
C GLN A 118 10.12 -12.92 12.03
N GLU A 119 9.36 -12.09 12.73
CA GLU A 119 9.67 -11.80 14.15
C GLU A 119 9.59 -13.05 15.02
N VAL A 120 8.59 -13.92 14.76
CA VAL A 120 8.46 -15.21 15.44
C VAL A 120 9.73 -16.02 15.24
N VAL A 121 10.18 -16.12 14.00
CA VAL A 121 11.40 -16.85 13.69
C VAL A 121 12.68 -16.21 14.28
N HIS A 122 12.74 -14.87 14.29
CA HIS A 122 13.85 -14.15 14.94
C HIS A 122 13.89 -14.49 16.44
N ASN A 123 12.75 -14.42 17.10
CA ASN A 123 12.71 -14.73 18.53
C ASN A 123 13.13 -16.18 18.84
N GLN A 124 12.65 -17.13 18.04
CA GLN A 124 13.06 -18.53 18.22
C GLN A 124 14.57 -18.77 17.94
N SER A 125 15.14 -18.01 17.00
CA SER A 125 16.55 -18.08 16.68
CA SER A 125 16.56 -18.08 16.68
C SER A 125 17.41 -17.60 17.86
N TYR A 126 16.94 -16.57 18.59
CA TYR A 126 17.68 -16.12 19.76
C TYR A 126 17.72 -17.23 20.84
N SER A 127 16.57 -17.84 21.10
CA SER A 127 16.50 -19.00 22.00
C SER A 127 17.36 -20.13 21.58
N TYR A 128 17.36 -20.42 20.29
CA TYR A 128 18.17 -21.49 19.70
C TYR A 128 19.69 -21.31 19.95
N VAL A 129 20.17 -20.08 19.81
CA VAL A 129 21.55 -19.75 20.11
C VAL A 129 21.81 -19.96 21.61
N LEU A 130 20.98 -19.38 22.46
CA LEU A 130 21.17 -19.49 23.91
C LEU A 130 21.13 -20.97 24.41
N SER A 131 20.18 -21.76 23.90
CA SER A 131 20.04 -23.15 24.29
CA SER A 131 20.03 -23.15 24.27
C SER A 131 21.14 -24.06 23.74
N SER A 132 21.88 -23.61 22.72
CA SER A 132 23.02 -24.39 22.17
C SER A 132 24.30 -24.19 23.02
N LEU A 133 24.31 -23.14 23.83
CA LEU A 133 25.48 -22.70 24.57
C LEU A 133 25.42 -22.80 26.09
N VAL A 134 24.23 -22.63 26.71
CA VAL A 134 24.12 -22.67 28.18
C VAL A 134 23.02 -23.63 28.60
N PRO A 135 23.16 -24.27 29.79
CA PRO A 135 22.08 -25.16 30.27
C PRO A 135 20.81 -24.37 30.69
N LYS A 136 19.66 -25.04 30.82
CA LYS A 136 18.38 -24.38 31.11
C LYS A 136 18.38 -23.47 32.34
N ALA A 137 19.02 -23.92 33.42
CA ALA A 137 19.04 -23.15 34.67
C ALA A 137 19.77 -21.83 34.50
N THR A 138 20.85 -21.83 33.71
CA THR A 138 21.62 -20.60 33.41
C THR A 138 20.77 -19.62 32.63
N GLN A 139 20.03 -20.12 31.64
CA GLN A 139 19.09 -19.29 30.89
C GLN A 139 18.07 -18.64 31.80
N ASP A 140 17.52 -19.43 32.72
CA ASP A 140 16.51 -18.92 33.67
C ASP A 140 17.08 -17.80 34.55
N GLU A 141 18.32 -17.95 34.97
CA GLU A 141 19.00 -16.93 35.75
C GLU A 141 19.19 -15.63 34.94
N ILE A 142 19.63 -15.79 33.68
CA ILE A 142 19.82 -14.66 32.77
C ILE A 142 18.49 -13.89 32.66
N PHE A 143 17.39 -14.64 32.44
CA PHE A 143 16.08 -13.99 32.30
C PHE A 143 15.61 -13.32 33.57
N GLU A 144 15.92 -13.94 34.71
CA GLU A 144 15.54 -13.40 35.99
C GLU A 144 16.27 -12.07 36.24
N TYR A 145 17.56 -12.01 35.91
CA TYR A 145 18.29 -10.74 36.01
C TYR A 145 17.70 -9.67 35.10
N TRP A 146 17.37 -10.02 33.86
CA TRP A 146 16.73 -9.04 33.00
C TRP A 146 15.33 -8.65 33.47
N LYS A 147 14.60 -9.61 34.04
CA LYS A 147 13.25 -9.40 34.55
C LYS A 147 13.23 -8.30 35.59
N HIS A 148 14.25 -8.25 36.46
CA HIS A 148 14.38 -7.22 37.48
C HIS A 148 15.39 -6.11 37.14
N ASP A 149 15.65 -5.86 35.86
CA ASP A 149 16.59 -4.82 35.47
C ASP A 149 15.86 -3.48 35.27
N ASP A 150 16.38 -2.43 35.93
CA ASP A 150 15.79 -1.09 35.87
C ASP A 150 16.01 -0.40 34.55
N VAL A 151 17.20 -0.58 33.97
CA VAL A 151 17.54 0.01 32.67
C VAL A 151 16.56 -0.53 31.61
N LEU A 152 16.21 -1.81 31.72
CA LEU A 152 15.21 -2.44 30.83
C LEU A 152 13.82 -1.85 31.05
N LYS A 153 13.39 -1.75 32.31
CA LYS A 153 12.10 -1.17 32.67
C LYS A 153 11.94 0.25 32.09
N GLU A 154 12.99 1.06 32.17
CA GLU A 154 12.97 2.42 31.65
C GLU A 154 12.91 2.46 30.12
N ARG A 155 13.55 1.50 29.46
CA ARG A 155 13.56 1.47 28.02
CA ARG A 155 13.57 1.42 27.99
C ARG A 155 12.18 1.08 27.50
N ASN A 156 11.56 0.11 28.18
CA ASN A 156 10.22 -0.36 27.82
C ASN A 156 9.15 0.70 28.03
N GLU A 157 9.31 1.55 29.04
CA GLU A 157 8.40 2.67 29.27
C GLU A 157 8.50 3.76 28.18
N PHE A 158 9.70 4.00 27.61
CA PHE A 158 9.89 4.96 26.49
C PHE A 158 9.08 4.50 25.27
N ILE A 159 9.21 3.22 24.95
CA ILE A 159 8.52 2.61 23.82
C ILE A 159 7.00 2.55 24.04
N ILE A 160 6.57 2.10 25.22
CA ILE A 160 5.14 2.02 25.56
C ILE A 160 4.45 3.38 25.49
N ASP A 161 5.02 4.38 26.15
CA ASP A 161 4.45 5.75 26.17
C ASP A 161 4.20 6.30 24.74
N GLY A 162 5.12 6.03 23.82
CA GLY A 162 4.96 6.44 22.43
C GLY A 162 3.86 5.69 21.71
N TYR A 163 3.84 4.36 21.82
CA TYR A 163 2.80 3.55 21.16
C TYR A 163 1.40 3.69 21.79
N GLU A 164 1.33 3.90 23.11
CA GLU A 164 0.05 4.09 23.81
C GLU A 164 -0.75 5.32 23.33
N LYS A 165 -0.05 6.31 22.80
CA LYS A 165 -0.70 7.48 22.23
C LYS A 165 -1.59 7.12 21.03
N PHE A 166 -1.20 6.09 20.26
CA PHE A 166 -2.02 5.60 19.17
C PHE A 166 -3.25 4.84 19.71
N VAL A 167 -3.06 3.97 20.72
CA VAL A 167 -4.21 3.19 21.24
C VAL A 167 -5.24 4.11 21.87
N ASP A 168 -4.79 5.18 22.53
CA ASP A 168 -5.68 6.18 23.12
C ASP A 168 -6.45 6.98 22.06
N ASN A 169 -5.78 7.32 20.94
CA ASN A 169 -6.40 8.14 19.90
C ASN A 169 -5.84 7.81 18.53
N PRO A 170 -6.38 6.77 17.87
CA PRO A 170 -5.82 6.40 16.55
C PRO A 170 -6.23 7.38 15.47
N THR A 171 -5.27 8.14 14.97
CA THR A 171 -5.49 9.12 13.93
C THR A 171 -4.30 8.98 13.00
N PRO A 172 -4.32 9.62 11.81
CA PRO A 172 -3.14 9.56 10.94
C PRO A 172 -1.84 10.11 11.56
N LYS A 173 -1.96 11.04 12.49
CA LYS A 173 -0.83 11.63 13.19
C LYS A 173 -0.20 10.63 14.17
N THR A 174 -1.02 9.99 15.00
CA THR A 174 -0.52 8.97 15.94
C THR A 174 -0.06 7.68 15.20
N PHE A 175 -0.66 7.37 14.05
CA PHE A 175 -0.20 6.25 13.23
C PHE A 175 1.21 6.53 12.68
N LEU A 176 1.41 7.73 12.17
CA LEU A 176 2.72 8.16 11.67
C LEU A 176 3.79 8.09 12.78
N GLU A 177 3.44 8.56 13.98
CA GLU A 177 4.33 8.50 15.14
C GLU A 177 4.73 7.07 15.43
N SER A 178 3.75 6.18 15.40
CA SER A 178 3.93 4.75 15.59
C SER A 178 4.87 4.12 14.51
N ILE A 179 4.73 4.54 13.26
CA ILE A 179 5.64 4.13 12.15
C ILE A 179 7.08 4.56 12.43
N VAL A 180 7.26 5.76 12.97
CA VAL A 180 8.60 6.24 13.33
C VAL A 180 9.22 5.35 14.40
N TYR A 181 8.43 5.03 15.44
CA TYR A 181 8.91 4.13 16.49
C TYR A 181 9.26 2.76 15.90
N ASP A 182 8.46 2.27 14.94
CA ASP A 182 8.77 0.98 14.23
C ASP A 182 10.14 1.00 13.50
N VAL A 183 10.44 2.10 12.83
CA VAL A 183 11.72 2.31 12.16
C VAL A 183 12.86 2.25 13.20
N ILE A 184 12.70 2.94 14.33
CA ILE A 184 13.67 2.89 15.43
C ILE A 184 13.86 1.50 16.00
N LEU A 185 12.78 0.77 16.27
CA LEU A 185 12.89 -0.56 16.86
C LEU A 185 13.58 -1.57 15.97
N GLU A 186 13.38 -1.46 14.66
CA GLU A 186 14.01 -2.37 13.64
C GLU A 186 15.28 -1.82 13.03
N GLY A 187 15.44 -0.49 13.07
CA GLY A 187 16.55 0.15 12.39
C GLY A 187 17.63 0.78 13.24
N LEU A 188 17.51 0.70 14.55
CA LEU A 188 18.48 1.35 15.45
C LEU A 188 18.67 0.61 16.78
N ASN A 189 17.58 0.28 17.47
CA ASN A 189 17.64 -0.48 18.74
C ASN A 189 18.40 -1.76 18.60
N PHE A 190 19.29 -2.01 19.55
CA PHE A 190 20.17 -3.18 19.57
C PHE A 190 21.19 -3.26 18.45
N TYR A 191 21.36 -2.24 17.62
CA TYR A 191 22.41 -2.27 16.60
C TYR A 191 23.79 -2.32 17.24
N SER A 192 24.00 -1.76 18.46
CA SER A 192 25.27 -1.92 19.21
CA SER A 192 25.30 -1.92 19.15
C SER A 192 25.52 -3.37 19.54
N GLY A 193 24.44 -4.06 19.93
CA GLY A 193 24.49 -5.45 20.30
C GLY A 193 24.77 -6.33 19.12
N PHE A 194 24.14 -6.05 17.96
CA PHE A 194 24.47 -6.81 16.75
C PHE A 194 25.92 -6.63 16.38
N ALA A 195 26.43 -5.40 16.48
CA ALA A 195 27.85 -5.12 16.24
C ALA A 195 28.77 -5.96 17.12
N PHE A 196 28.37 -6.19 18.37
CA PHE A 196 29.13 -7.05 19.30
C PHE A 196 29.32 -8.45 18.68
N PHE A 197 28.26 -9.02 18.13
CA PHE A 197 28.33 -10.32 17.51
C PHE A 197 29.23 -10.30 16.27
N TYR A 198 29.10 -9.24 15.45
CA TYR A 198 29.94 -9.14 14.25
C TYR A 198 31.41 -8.92 14.62
N ASN A 199 31.67 -8.22 15.74
CA ASN A 199 33.05 -7.99 16.21
C ASN A 199 33.69 -9.33 16.56
N LEU A 200 32.92 -10.27 17.09
CA LEU A 200 33.46 -11.61 17.37
C LEU A 200 33.81 -12.37 16.10
N ALA A 201 32.89 -12.33 15.15
CA ALA A 201 32.98 -13.11 13.92
C ALA A 201 34.02 -12.59 12.96
N ARG A 202 34.29 -11.28 12.95
CA ARG A 202 35.34 -10.74 12.06
C ARG A 202 36.70 -11.27 12.51
N ASN A 203 36.82 -11.66 13.78
CA ASN A 203 38.00 -12.32 14.36
C ASN A 203 37.86 -13.85 14.47
N GLN A 204 36.97 -14.44 13.65
CA GLN A 204 36.73 -15.87 13.56
C GLN A 204 36.14 -16.57 14.81
N LYS A 205 35.45 -15.83 15.67
CA LYS A 205 34.82 -16.40 16.86
C LYS A 205 33.28 -16.29 16.75
N VAL A 207 30.97 -17.47 14.76
CA VAL A 207 30.60 -17.12 13.40
C VAL A 207 29.16 -17.57 13.03
N SER A 208 28.74 -18.75 13.49
CA SER A 208 27.37 -19.21 13.25
C SER A 208 26.33 -18.29 13.89
N THR A 209 26.61 -17.83 15.12
CA THR A 209 25.75 -16.85 15.79
C THR A 209 25.66 -15.56 14.99
N SER A 210 26.82 -15.04 14.56
CA SER A 210 26.91 -13.85 13.74
C SER A 210 26.14 -13.95 12.40
N THR A 211 26.20 -15.12 11.79
CA THR A 211 25.46 -15.44 10.58
C THR A 211 23.94 -15.31 10.80
N ILE A 213 22.44 -13.61 13.27
CA ILE A 213 22.26 -12.17 13.52
C ILE A 213 22.19 -11.38 12.21
N ASN A 214 23.05 -11.73 11.27
CA ASN A 214 23.09 -11.07 9.97
C ASN A 214 21.84 -11.38 9.15
N TYR A 215 21.33 -12.62 9.20
CA TYR A 215 20.04 -12.93 8.56
C TYR A 215 18.91 -12.10 9.18
N ILE A 216 18.89 -12.03 10.51
CA ILE A 216 17.91 -11.18 11.22
C ILE A 216 18.03 -9.72 10.79
N ASN A 217 19.25 -9.20 10.78
N ASN A 217 19.25 -9.18 10.80
CA ASN A 217 19.55 -7.81 10.45
CA ASN A 217 19.48 -7.78 10.40
C ASN A 217 19.15 -7.51 8.97
C ASN A 217 19.09 -7.52 8.95
N ARG A 218 19.35 -8.48 8.05
CA ARG A 218 18.95 -8.37 6.65
C ARG A 218 17.40 -8.24 6.54
N ASP A 219 16.70 -9.09 7.25
CA ASP A 219 15.23 -9.00 7.32
C ASP A 219 14.82 -7.63 7.85
N GLU A 220 15.50 -7.16 8.90
CA GLU A 220 15.16 -5.85 9.44
C GLU A 220 15.31 -4.74 8.42
N GLN A 221 16.27 -4.83 7.51
CA GLN A 221 16.45 -3.78 6.53
C GLN A 221 15.26 -3.67 5.59
N LEU A 222 14.65 -4.80 5.22
CA LEU A 222 13.46 -4.76 4.39
C LEU A 222 12.24 -4.23 5.18
N HIS A 223 12.20 -4.52 6.47
CA HIS A 223 11.14 -4.02 7.34
C HIS A 223 11.25 -2.50 7.39
N VAL A 224 12.47 -1.97 7.60
CA VAL A 224 12.69 -0.51 7.60
C VAL A 224 12.30 0.11 6.25
N TYR A 225 12.63 -0.56 5.14
CA TYR A 225 12.24 -0.10 3.82
C TYR A 225 10.70 0.02 3.74
N LEU A 226 9.98 -0.98 4.24
CA LEU A 226 8.52 -0.95 4.26
C LEU A 226 8.01 0.24 5.08
N PHE A 227 8.48 0.34 6.31
CA PHE A 227 8.03 1.43 7.18
C PHE A 227 8.36 2.84 6.68
N THR A 228 9.55 3.04 6.12
CA THR A 228 9.92 4.35 5.58
C THR A 228 9.11 4.72 4.33
N ASN A 229 8.78 3.73 3.52
CA ASN A 229 7.91 3.92 2.37
C ASN A 229 6.52 4.34 2.84
N ILE A 230 5.98 3.66 3.86
CA ILE A 230 4.65 4.02 4.41
C ILE A 230 4.68 5.44 4.94
N PHE A 231 5.78 5.81 5.63
CA PHE A 231 5.94 7.15 6.15
C PHE A 231 5.84 8.19 5.03
N LYS A 232 6.61 7.99 3.97
CA LYS A 232 6.60 8.94 2.84
C LYS A 232 5.25 9.01 2.12
N GLU A 233 4.57 7.90 1.98
CA GLU A 233 3.28 7.85 1.32
C GLU A 233 2.23 8.52 2.22
N LEU A 234 2.35 8.38 3.53
CA LEU A 234 1.43 9.04 4.44
C LEU A 234 1.51 10.58 4.34
N LEU A 235 2.72 11.11 4.12
CA LEU A 235 2.90 12.54 3.89
C LEU A 235 2.26 12.99 2.56
N VAL A 236 2.26 12.13 1.53
CA VAL A 236 1.57 12.43 0.26
C VAL A 236 0.04 12.37 0.43
N GLU A 237 -0.44 11.39 1.20
CA GLU A 237 -1.87 11.15 1.40
CA GLU A 237 -1.89 11.17 1.40
C GLU A 237 -2.55 12.12 2.38
N PHE A 238 -1.84 12.49 3.44
CA PHE A 238 -2.29 13.39 4.48
C PHE A 238 -1.24 14.51 4.56
N PRO A 239 -1.29 15.48 3.61
CA PRO A 239 -0.36 16.63 3.59
C PRO A 239 -0.30 17.49 4.85
N GLU A 240 -1.40 17.49 5.62
CA GLU A 240 -1.43 18.16 6.92
C GLU A 240 -0.37 17.64 7.93
N LEU A 241 0.18 16.45 7.69
CA LEU A 241 1.26 15.90 8.48
C LEU A 241 2.63 16.38 8.01
N ASN A 242 2.71 16.96 6.80
CA ASN A 242 3.98 17.43 6.24
C ASN A 242 4.28 18.82 6.78
N THR A 243 4.70 18.88 8.04
CA THR A 243 4.92 20.15 8.72
C THR A 243 6.34 20.20 9.31
N GLU A 244 6.70 21.37 9.83
CA GLU A 244 7.96 21.51 10.55
C GLU A 244 7.90 20.72 11.84
N GLU A 245 6.75 20.74 12.49
CA GLU A 245 6.49 19.91 13.68
C GLU A 245 6.81 18.42 13.43
N THR A 246 6.49 17.88 12.25
CA THR A 246 6.84 16.47 11.95
C THR A 246 8.35 16.25 11.81
N LYS A 247 9.04 17.20 11.19
CA LYS A 247 10.49 17.13 11.08
C LYS A 247 11.15 17.19 12.47
N THR A 248 10.66 18.08 13.33
CA THR A 248 11.13 18.19 14.72
C THR A 248 10.85 16.90 15.49
N PHE A 249 9.64 16.37 15.39
CA PHE A 249 9.31 15.07 16.00
C PHE A 249 10.28 13.91 15.62
N VAL A 250 10.54 13.76 14.32
CA VAL A 250 11.45 12.72 13.83
C VAL A 250 12.88 12.96 14.35
N LYS A 251 13.35 14.20 14.28
CA LYS A 251 14.70 14.52 14.74
CA LYS A 251 14.70 14.57 14.76
C LYS A 251 14.83 14.23 16.24
N THR A 252 13.91 14.76 17.03
CA THR A 252 13.88 14.55 18.48
C THR A 252 13.79 13.08 18.90
N THR A 253 12.89 12.34 18.24
CA THR A 253 12.67 10.92 18.54
C THR A 253 13.91 10.08 18.19
N LEU A 254 14.50 10.33 17.01
CA LEU A 254 15.76 9.67 16.64
C LEU A 254 16.91 9.99 17.60
N LYS A 256 16.66 10.93 20.84
CA LYS A 256 16.36 10.27 22.13
C LYS A 256 16.66 8.78 22.05
N ALA A 257 16.26 8.17 20.92
CA ALA A 257 16.51 6.80 20.65
C ALA A 257 18.04 6.48 20.54
N ALA A 258 18.78 7.32 19.83
CA ALA A 258 20.25 7.21 19.73
C ALA A 258 20.91 7.30 21.13
N ASP A 259 20.46 8.25 21.95
CA ASP A 259 20.95 8.38 23.32
C ASP A 259 20.66 7.14 24.17
N LEU A 260 19.45 6.58 24.04
CA LEU A 260 19.09 5.37 24.77
C LEU A 260 19.94 4.18 24.34
N GLU A 261 20.20 4.08 23.04
CA GLU A 261 21.07 2.99 22.54
C GLU A 261 22.48 3.13 23.11
N LYS A 262 23.02 4.35 23.12
CA LYS A 262 24.35 4.62 23.68
C LYS A 262 24.38 4.25 25.14
N ASP A 263 23.30 4.55 25.88
CA ASP A 263 23.22 4.19 27.31
C ASP A 263 23.27 2.67 27.50
N TRP A 264 22.47 1.98 26.72
CA TRP A 264 22.44 0.53 26.76
CA TRP A 264 22.44 0.51 26.74
C TRP A 264 23.80 -0.04 26.41
N PHE A 265 24.38 0.46 25.33
CA PHE A 265 25.73 0.08 24.95
C PHE A 265 26.72 0.33 26.12
N ARG A 266 26.62 1.48 26.76
CA ARG A 266 27.52 1.77 27.89
C ARG A 266 27.34 0.81 29.09
N TYR A 267 26.08 0.47 29.34
CA TYR A 267 25.70 -0.41 30.44
C TYR A 267 26.21 -1.83 30.30
N ILE A 268 26.09 -2.37 29.10
CA ILE A 268 26.45 -3.79 28.84
C ILE A 268 27.85 -4.05 28.30
N ILE A 269 28.34 -3.18 27.42
CA ILE A 269 29.63 -3.36 26.76
C ILE A 269 30.63 -2.34 27.25
N GLY A 270 30.33 -1.04 27.10
CA GLY A 270 31.28 0.00 27.53
C GLY A 270 32.66 -0.14 26.88
N ASP A 271 33.69 -0.06 27.70
CA ASP A 271 35.09 -0.18 27.26
C ASP A 271 35.69 -1.55 27.63
N LYS A 272 34.86 -2.58 27.79
CA LYS A 272 35.30 -3.89 28.31
C LYS A 272 35.60 -4.95 27.26
N ILE A 273 35.32 -4.67 25.99
CA ILE A 273 35.42 -5.71 24.96
C ILE A 273 36.50 -5.38 23.96
N PRO A 274 37.49 -6.27 23.81
CA PRO A 274 38.52 -6.06 22.83
C PRO A 274 37.94 -5.82 21.43
N GLY A 275 38.46 -4.84 20.73
CA GLY A 275 37.97 -4.56 19.40
C GLY A 275 36.85 -3.55 19.29
N ILE A 276 36.22 -3.17 20.41
CA ILE A 276 35.13 -2.20 20.40
CA ILE A 276 35.13 -2.20 20.40
C ILE A 276 35.57 -0.95 21.16
N ASN A 277 35.78 0.16 20.44
CA ASN A 277 36.13 1.45 21.05
C ASN A 277 34.77 2.11 21.30
N PRO A 278 34.49 2.49 22.55
CA PRO A 278 33.18 3.09 22.81
C PRO A 278 32.89 4.40 22.06
N GLU A 279 33.90 5.23 21.81
CA GLU A 279 33.70 6.48 21.09
C GLU A 279 33.28 6.19 19.62
N ASP A 280 33.95 5.20 19.02
CA ASP A 280 33.62 4.75 17.66
C ASP A 280 32.22 4.15 17.59
N GLU A 282 29.64 4.91 19.61
CA GLU A 282 28.70 5.98 19.78
C GLU A 282 28.54 6.76 18.47
N THR A 283 29.65 7.01 17.77
CA THR A 283 29.61 7.68 16.48
C THR A 283 28.82 6.83 15.47
N TYR A 284 29.02 5.52 15.50
CA TYR A 284 28.28 4.58 14.65
C TYR A 284 26.77 4.64 14.93
N ILE A 285 26.37 4.71 16.20
CA ILE A 285 24.94 4.86 16.55
C ILE A 285 24.39 6.20 15.99
N SER A 286 25.15 7.29 16.07
CA SER A 286 24.74 8.59 15.49
C SER A 286 24.55 8.51 13.97
N PHE A 287 25.53 7.87 13.34
CA PHE A 287 25.50 7.58 11.89
C PHE A 287 24.22 6.80 11.50
N ILE A 288 23.83 5.79 12.28
CA ILE A 288 22.59 5.03 12.00
C ILE A 288 21.38 5.94 12.16
N ALA A 289 21.36 6.77 13.21
CA ALA A 289 20.26 7.72 13.39
C ALA A 289 20.12 8.62 12.14
N ASN A 290 21.27 9.09 11.61
CA ASN A 290 21.31 9.93 10.40
C ASN A 290 20.79 9.19 9.19
N LYS A 291 21.18 7.92 9.03
CA LYS A 291 20.73 7.11 7.90
C LYS A 291 19.19 6.97 7.89
N ARG A 292 18.61 6.66 9.04
CA ARG A 292 17.16 6.54 9.18
C ARG A 292 16.45 7.85 8.88
N ALA A 293 17.02 8.95 9.35
CA ALA A 293 16.44 10.26 9.08
C ALA A 293 16.37 10.50 7.56
N VAL A 294 17.47 10.19 6.87
CA VAL A 294 17.56 10.30 5.40
C VAL A 294 16.57 9.40 4.73
N GLN A 295 16.46 8.15 5.17
CA GLN A 295 15.47 7.19 4.64
C GLN A 295 14.03 7.64 4.80
N LEU A 296 13.75 8.43 5.85
CA LEU A 296 12.43 9.04 6.06
C LEU A 296 12.22 10.38 5.26
N GLY A 297 13.23 10.82 4.51
CA GLY A 297 13.19 12.08 3.78
C GLY A 297 13.33 13.26 4.70
N GLU A 299 15.77 15.61 7.76
CA GLU A 299 17.13 16.17 7.94
C GLU A 299 17.90 15.38 9.02
N LYS A 300 19.20 15.22 8.82
CA LYS A 300 20.07 14.46 9.72
C LYS A 300 20.14 15.11 11.11
N PRO A 301 19.82 14.37 12.20
CA PRO A 301 20.00 15.00 13.52
C PRO A 301 21.47 15.35 13.88
N TYR A 302 22.44 14.64 13.31
CA TYR A 302 23.86 14.82 13.58
C TYR A 302 24.61 15.10 12.28
N PRO A 303 24.36 16.29 11.67
CA PRO A 303 24.99 16.60 10.38
C PRO A 303 26.51 16.52 10.40
N GLU A 304 27.14 16.77 11.53
CA GLU A 304 28.60 16.62 11.65
C GLU A 304 29.07 15.19 11.41
N ILE A 305 28.25 14.18 11.72
CA ILE A 305 28.65 12.78 11.51
C ILE A 305 28.30 12.38 10.07
N LYS A 306 29.31 12.45 9.20
CA LYS A 306 29.18 12.12 7.77
C LYS A 306 29.67 10.70 7.43
N HIS A 307 30.68 10.19 8.14
CA HIS A 307 31.25 8.86 7.89
C HIS A 307 31.06 7.91 9.06
N ASN A 308 31.14 6.61 8.78
CA ASN A 308 31.02 5.56 9.78
C ASN A 308 32.44 5.19 10.21
N PRO A 309 32.81 5.46 11.49
CA PRO A 309 34.18 5.16 11.90
C PRO A 309 34.50 3.69 12.13
N LYS A 311 34.93 1.01 10.41
CA LYS A 311 35.13 0.58 9.01
C LYS A 311 34.81 -0.92 8.81
N TRP A 312 35.16 -1.75 9.78
CA TRP A 312 34.91 -3.22 9.71
C TRP A 312 33.45 -3.66 9.62
N ILE A 313 32.48 -2.80 9.99
CA ILE A 313 31.03 -3.07 9.90
CA ILE A 313 31.07 -3.16 9.90
C ILE A 313 30.62 -3.10 8.42
N PHE B 38 1.00 -27.30 26.15
CA PHE B 38 0.76 -27.76 24.75
C PHE B 38 2.07 -28.35 24.24
N SER B 39 2.30 -29.63 24.57
CA SER B 39 3.52 -30.33 24.18
C SER B 39 3.66 -30.48 22.67
N TRP B 40 2.52 -30.52 21.99
CA TRP B 40 2.45 -30.60 20.52
C TRP B 40 2.82 -29.34 19.75
N ALA B 41 2.88 -28.18 20.42
CA ALA B 41 3.15 -26.89 19.77
C ALA B 41 4.52 -26.80 19.10
N TYR B 42 5.60 -27.15 19.80
CA TYR B 42 6.94 -27.07 19.19
C TYR B 42 7.14 -28.01 17.99
N PRO B 43 6.76 -29.30 18.11
CA PRO B 43 6.82 -30.19 16.91
C PRO B 43 6.00 -29.68 15.73
N LEU B 44 4.86 -29.05 16.01
CA LEU B 44 4.03 -28.45 14.96
C LEU B 44 4.76 -27.29 14.30
N TYR B 45 5.32 -26.40 15.13
CA TYR B 45 6.11 -25.26 14.64
C TYR B 45 7.22 -25.75 13.68
N LYS B 46 7.99 -26.74 14.13
CA LYS B 46 9.05 -27.36 13.32
C LYS B 46 8.55 -27.97 12.00
N ASN B 47 7.44 -28.67 12.07
CA ASN B 47 6.83 -29.26 10.89
C ASN B 47 6.37 -28.20 9.88
N LEU B 49 7.54 -25.08 9.54
CA LEU B 49 8.75 -24.50 8.98
C LEU B 49 9.38 -25.43 7.96
N ALA B 50 9.41 -26.73 8.28
CA ALA B 50 9.97 -27.75 7.41
C ALA B 50 9.25 -27.88 6.06
N ASN B 51 7.98 -27.51 6.01
CA ASN B 51 7.18 -27.61 4.78
C ASN B 51 7.30 -26.42 3.83
N PHE B 52 8.27 -25.51 4.06
CA PHE B 52 8.40 -24.28 3.25
C PHE B 52 8.45 -24.60 1.76
N TRP B 53 7.79 -23.78 0.96
CA TRP B 53 7.79 -23.92 -0.47
C TRP B 53 7.43 -22.55 -1.03
N THR B 54 7.77 -22.38 -2.29
CA THR B 54 7.50 -21.13 -2.99
C THR B 54 6.91 -21.46 -4.33
N PRO B 55 5.87 -20.73 -4.78
CA PRO B 55 5.32 -21.01 -6.10
C PRO B 55 6.28 -20.70 -7.25
N PHE B 56 7.24 -19.82 -7.01
CA PHE B 56 8.22 -19.44 -8.02
C PHE B 56 9.14 -20.61 -8.43
N GLU B 57 9.19 -21.68 -7.63
CA GLU B 57 9.93 -22.91 -7.97
C GLU B 57 9.17 -23.96 -8.82
N ILE B 58 7.90 -23.68 -9.15
CA ILE B 58 7.05 -24.55 -9.94
C ILE B 58 6.89 -23.96 -11.34
N ASN B 59 7.41 -24.68 -12.33
CA ASN B 59 7.35 -24.27 -13.72
C ASN B 59 5.97 -24.55 -14.29
N SER B 61 4.96 -23.69 -17.59
CA SER B 61 4.96 -23.71 -19.05
C SER B 61 4.10 -24.78 -19.71
N HIS B 62 4.22 -26.03 -19.25
CA HIS B 62 3.45 -27.14 -19.82
C HIS B 62 1.97 -26.96 -19.50
N ASP B 63 1.67 -26.59 -18.27
CA ASP B 63 0.29 -26.28 -17.88
C ASP B 63 -0.32 -25.15 -18.72
N ALA B 64 0.47 -24.11 -18.97
CA ALA B 64 0.03 -22.96 -19.79
C ALA B 64 -0.39 -23.39 -21.20
N LYS B 65 0.39 -24.28 -21.78
CA LYS B 65 0.12 -24.84 -23.08
C LYS B 65 -1.08 -25.80 -23.09
N GLN B 66 -1.25 -26.60 -22.05
CA GLN B 66 -2.35 -27.56 -21.97
C GLN B 66 -3.71 -26.92 -21.64
N PHE B 67 -3.73 -25.83 -20.89
CA PHE B 67 -4.98 -25.18 -20.45
C PHE B 67 -6.06 -24.94 -21.53
N PRO B 68 -5.69 -24.30 -22.67
CA PRO B 68 -6.68 -24.10 -23.73
C PRO B 68 -7.16 -25.37 -24.39
N THR B 69 -6.48 -26.51 -24.15
CA THR B 69 -6.93 -27.82 -24.68
C THR B 69 -7.95 -28.54 -23.78
N LEU B 70 -8.17 -28.05 -22.55
CA LEU B 70 -9.18 -28.62 -21.63
C LEU B 70 -10.59 -28.29 -22.18
N THR B 71 -11.62 -28.98 -21.71
CA THR B 71 -13.01 -28.71 -22.17
C THR B 71 -13.45 -27.37 -21.65
N GLU B 72 -14.52 -26.82 -22.22
CA GLU B 72 -15.04 -25.54 -21.78
C GLU B 72 -15.36 -25.59 -20.29
N THR B 73 -16.04 -26.64 -19.85
CA THR B 73 -16.41 -26.78 -18.42
C THR B 73 -15.16 -26.88 -17.53
N GLU B 74 -14.18 -27.67 -17.97
CA GLU B 74 -12.94 -27.77 -17.23
C GLU B 74 -12.22 -26.40 -17.08
N GLN B 75 -12.12 -25.61 -18.15
CA GLN B 75 -11.45 -24.31 -18.06
C GLN B 75 -12.28 -23.35 -17.21
N GLU B 76 -13.60 -23.35 -17.37
CA GLU B 76 -14.41 -22.41 -16.57
C GLU B 76 -14.46 -22.78 -15.11
N ALA B 77 -14.59 -24.06 -14.78
CA ALA B 77 -14.55 -24.50 -13.37
C ALA B 77 -13.19 -24.15 -12.72
N PHE B 78 -12.10 -24.34 -13.46
CA PHE B 78 -10.74 -24.02 -12.99
C PHE B 78 -10.67 -22.56 -12.55
N LYS B 79 -11.13 -21.66 -13.42
CA LYS B 79 -11.08 -20.23 -13.17
C LYS B 79 -11.96 -19.85 -11.99
N LYS B 80 -13.17 -20.40 -11.95
CA LYS B 80 -14.10 -20.14 -10.82
C LYS B 80 -13.57 -20.60 -9.45
N ILE B 81 -13.03 -21.81 -9.43
CA ILE B 81 -12.47 -22.38 -8.20
C ILE B 81 -11.26 -21.57 -7.75
N ILE B 82 -10.36 -21.19 -8.67
CA ILE B 82 -9.19 -20.37 -8.30
C ILE B 82 -9.72 -19.03 -7.74
N GLY B 83 -10.75 -18.48 -8.38
CA GLY B 83 -11.41 -17.28 -7.88
C GLY B 83 -11.97 -17.41 -6.46
N LEU B 84 -12.60 -18.54 -6.17
CA LEU B 84 -13.04 -18.87 -4.82
C LEU B 84 -11.89 -18.99 -3.82
N LEU B 85 -10.83 -19.72 -4.17
CA LEU B 85 -9.72 -19.99 -3.26
C LEU B 85 -8.96 -18.71 -2.91
N ALA B 86 -8.84 -17.81 -3.88
CA ALA B 86 -8.16 -16.54 -3.69
C ALA B 86 -8.97 -15.68 -2.76
N PHE B 87 -10.30 -15.66 -2.92
CA PHE B 87 -11.19 -14.94 -1.98
C PHE B 87 -10.99 -15.52 -0.58
N LEU B 88 -11.10 -16.86 -0.46
CA LEU B 88 -11.01 -17.51 0.86
C LEU B 88 -9.65 -17.31 1.53
N ASP B 89 -8.55 -17.51 0.82
CA ASP B 89 -7.21 -17.27 1.45
C ASP B 89 -6.87 -15.79 1.71
N SER B 90 -7.39 -14.86 0.92
CA SER B 90 -7.18 -13.43 1.24
C SER B 90 -7.87 -13.13 2.60
N VAL B 91 -9.12 -13.54 2.70
CA VAL B 91 -9.84 -13.30 3.97
C VAL B 91 -9.18 -14.07 5.15
N GLN B 92 -8.78 -15.30 4.90
CA GLN B 92 -8.12 -16.13 5.92
C GLN B 92 -6.78 -15.55 6.40
N THR B 93 -6.05 -14.91 5.51
CA THR B 93 -4.85 -14.23 5.90
C THR B 93 -5.15 -13.22 6.99
N ASP B 94 -6.22 -12.46 6.79
CA ASP B 94 -6.62 -11.40 7.70
C ASP B 94 -7.21 -11.97 9.01
N TYR B 95 -8.16 -12.90 8.90
CA TYR B 95 -8.73 -13.53 10.08
C TYR B 95 -7.66 -14.13 11.00
N SER B 96 -6.75 -14.90 10.41
CA SER B 96 -5.68 -15.52 11.19
C SER B 96 -4.73 -14.53 11.86
N ARG B 98 -5.60 -11.51 12.87
CA ARG B 98 -6.37 -11.00 13.99
C ARG B 98 -6.50 -12.01 15.16
N ALA B 99 -6.67 -13.27 14.80
CA ALA B 99 -6.73 -14.41 15.75
C ALA B 99 -5.42 -14.48 16.56
N ALA B 100 -4.29 -14.37 15.88
CA ALA B 100 -2.97 -14.39 16.50
C ALA B 100 -2.83 -13.34 17.57
N GLU B 101 -3.38 -12.13 17.36
CA GLU B 101 -3.34 -11.11 18.41
C GLU B 101 -4.32 -11.34 19.52
N TYR B 102 -5.45 -12.01 19.23
CA TYR B 102 -6.45 -12.32 20.24
C TYR B 102 -5.97 -13.39 21.23
N LEU B 103 -5.31 -14.40 20.70
CA LEU B 103 -4.78 -15.49 21.52
C LEU B 103 -3.88 -14.99 22.67
N THR B 104 -4.18 -15.41 23.90
CA THR B 104 -3.41 -15.02 25.08
C THR B 104 -2.15 -15.90 25.32
N ASP B 105 -2.13 -17.13 24.80
CA ASP B 105 -0.99 -18.02 24.91
C ASP B 105 0.05 -17.72 23.84
N SER B 106 1.30 -17.53 24.25
CA SER B 106 2.40 -17.23 23.36
C SER B 106 2.70 -18.24 22.28
N SER B 107 2.66 -19.53 22.64
CA SER B 107 2.97 -20.58 21.66
C SER B 107 1.86 -20.72 20.62
N LEU B 108 0.61 -20.65 21.05
CA LEU B 108 -0.51 -20.71 20.09
C LEU B 108 -0.50 -19.47 19.19
N ALA B 109 -0.23 -18.28 19.74
CA ALA B 109 -0.12 -17.04 18.92
C ALA B 109 1.01 -17.12 17.89
N ALA B 110 2.16 -17.69 18.28
CA ALA B 110 3.28 -17.88 17.40
C ALA B 110 2.87 -18.82 16.27
N LEU B 111 2.22 -19.94 16.60
CA LEU B 111 1.77 -20.86 15.56
C LEU B 111 0.74 -20.18 14.65
N SER B 113 0.68 -17.13 13.80
CA SER B 113 1.50 -16.27 12.92
C SER B 113 2.10 -17.01 11.76
N VAL B 114 2.60 -18.21 12.01
CA VAL B 114 3.13 -19.04 10.92
C VAL B 114 2.03 -19.36 9.95
N LEU B 115 0.84 -19.68 10.47
CA LEU B 115 -0.32 -20.04 9.65
C LEU B 115 -0.72 -18.84 8.77
N SER B 116 -0.80 -17.63 9.34
CA SER B 116 -1.14 -16.41 8.57
C SER B 116 -0.16 -16.16 7.43
N PHE B 117 1.14 -16.33 7.73
CA PHE B 117 2.18 -16.22 6.72
C PHE B 117 1.98 -17.25 5.59
N GLN B 118 1.65 -18.48 5.95
CA GLN B 118 1.41 -19.53 4.90
C GLN B 118 0.24 -19.17 3.97
N GLU B 119 -0.78 -18.52 4.54
CA GLU B 119 -1.94 -18.02 3.82
C GLU B 119 -1.57 -16.89 2.87
N VAL B 120 -0.64 -16.02 3.28
CA VAL B 120 -0.12 -15.00 2.37
C VAL B 120 0.49 -15.68 1.10
N VAL B 121 1.29 -16.74 1.29
CA VAL B 121 1.92 -17.44 0.18
C VAL B 121 0.89 -18.19 -0.69
N HIS B 122 -0.07 -18.86 -0.05
CA HIS B 122 -1.14 -19.58 -0.75
C HIS B 122 -1.89 -18.62 -1.61
N ASN B 123 -2.30 -17.47 -1.06
CA ASN B 123 -3.07 -16.49 -1.82
C ASN B 123 -2.25 -15.97 -2.99
N GLN B 124 -0.97 -15.67 -2.74
CA GLN B 124 -0.08 -15.20 -3.79
C GLN B 124 0.12 -16.23 -4.90
N SER B 125 0.17 -17.48 -4.53
CA SER B 125 0.31 -18.56 -5.49
CA SER B 125 0.31 -18.58 -5.48
C SER B 125 -0.83 -18.58 -6.52
N TYR B 126 -2.03 -18.11 -6.15
CA TYR B 126 -3.17 -18.05 -7.12
C TYR B 126 -2.97 -16.94 -8.14
N SER B 127 -2.38 -15.79 -7.73
CA SER B 127 -1.98 -14.76 -8.68
C SER B 127 -0.89 -15.32 -9.64
N TYR B 128 0.06 -16.07 -9.07
CA TYR B 128 1.12 -16.70 -9.85
C TYR B 128 0.53 -17.65 -10.89
N VAL B 129 -0.40 -18.51 -10.46
CA VAL B 129 -1.05 -19.47 -11.36
C VAL B 129 -1.80 -18.75 -12.48
N LEU B 130 -2.67 -17.80 -12.14
CA LEU B 130 -3.42 -17.07 -13.17
C LEU B 130 -2.55 -16.24 -14.11
N SER B 131 -1.45 -15.68 -13.62
CA SER B 131 -0.55 -14.89 -14.47
C SER B 131 0.18 -15.76 -15.51
N SER B 132 0.25 -17.06 -15.25
CA SER B 132 0.87 -18.05 -16.14
C SER B 132 -0.10 -18.70 -17.10
N LEU B 133 -1.38 -18.77 -16.75
CA LEU B 133 -2.36 -19.55 -17.50
C LEU B 133 -3.41 -18.80 -18.30
N VAL B 134 -3.83 -17.62 -17.84
CA VAL B 134 -4.91 -16.88 -18.50
C VAL B 134 -4.50 -15.44 -18.81
N PRO B 135 -5.17 -14.78 -19.79
CA PRO B 135 -4.85 -13.39 -20.07
C PRO B 135 -5.10 -12.46 -18.90
N LYS B 136 -4.42 -11.34 -18.88
CA LYS B 136 -4.47 -10.41 -17.75
C LYS B 136 -5.87 -9.92 -17.52
N ALA B 137 -6.60 -9.64 -18.60
CA ALA B 137 -7.98 -9.26 -18.52
C ALA B 137 -8.79 -10.35 -17.84
N THR B 138 -8.49 -11.61 -18.15
CA THR B 138 -9.21 -12.74 -17.56
C THR B 138 -8.85 -12.85 -16.07
N GLN B 139 -7.56 -12.66 -15.73
CA GLN B 139 -7.11 -12.62 -14.33
C GLN B 139 -7.88 -11.55 -13.51
N ASP B 140 -8.02 -10.36 -14.08
CA ASP B 140 -8.77 -9.26 -13.47
C ASP B 140 -10.22 -9.66 -13.21
N GLU B 141 -10.84 -10.26 -14.21
CA GLU B 141 -12.21 -10.74 -14.14
C GLU B 141 -12.41 -11.80 -13.04
N ILE B 142 -11.51 -12.79 -12.97
CA ILE B 142 -11.58 -13.83 -11.94
C ILE B 142 -11.52 -13.21 -10.54
N PHE B 143 -10.68 -12.19 -10.36
CA PHE B 143 -10.54 -11.47 -9.06
C PHE B 143 -11.68 -10.45 -8.77
N GLU B 144 -12.67 -10.33 -9.66
CA GLU B 144 -13.91 -9.55 -9.45
C GLU B 144 -15.13 -10.54 -9.40
N TYR B 145 -14.97 -11.86 -9.64
CA TYR B 145 -16.13 -12.81 -9.61
C TYR B 145 -16.89 -12.77 -8.29
N TRP B 146 -16.14 -12.67 -7.20
CA TRP B 146 -16.75 -12.61 -5.87
C TRP B 146 -17.74 -11.41 -5.68
N LYS B 147 -17.55 -10.32 -6.43
CA LYS B 147 -18.44 -9.16 -6.35
C LYS B 147 -19.65 -9.32 -7.27
N HIS B 148 -19.52 -10.12 -8.34
CA HIS B 148 -20.56 -10.16 -9.38
C HIS B 148 -21.38 -11.42 -9.55
N ASP B 149 -20.93 -12.55 -9.01
CA ASP B 149 -21.66 -13.82 -9.10
C ASP B 149 -22.48 -13.99 -7.82
N ASP B 150 -23.81 -14.05 -7.95
CA ASP B 150 -24.69 -14.19 -6.79
C ASP B 150 -24.51 -15.51 -6.03
N VAL B 151 -24.11 -16.58 -6.73
CA VAL B 151 -23.87 -17.87 -6.09
C VAL B 151 -22.59 -17.76 -5.24
N LEU B 152 -21.51 -17.21 -5.81
CA LEU B 152 -20.26 -17.07 -5.06
C LEU B 152 -20.46 -16.11 -3.89
N LYS B 153 -21.22 -15.05 -4.11
CA LYS B 153 -21.48 -14.09 -3.05
C LYS B 153 -22.26 -14.72 -1.90
N GLU B 154 -23.28 -15.53 -2.21
CA GLU B 154 -24.06 -16.18 -1.16
C GLU B 154 -23.17 -17.01 -0.24
N ARG B 155 -22.38 -17.88 -0.84
CA ARG B 155 -21.52 -18.72 -0.05
C ARG B 155 -20.44 -17.94 0.72
N ASN B 156 -19.85 -16.93 0.09
CA ASN B 156 -18.81 -16.09 0.72
C ASN B 156 -19.35 -15.35 1.95
N GLU B 157 -20.58 -14.87 1.88
CA GLU B 157 -21.18 -14.08 2.97
C GLU B 157 -21.52 -14.95 4.19
N PHE B 158 -21.74 -16.26 3.98
CA PHE B 158 -21.87 -17.21 5.11
C PHE B 158 -20.54 -17.24 5.91
N ILE B 159 -19.40 -17.33 5.23
CA ILE B 159 -18.06 -17.26 5.90
C ILE B 159 -17.83 -15.92 6.56
N ILE B 160 -18.08 -14.85 5.83
CA ILE B 160 -17.83 -13.49 6.37
C ILE B 160 -18.64 -13.18 7.63
N ASP B 161 -19.92 -13.55 7.62
CA ASP B 161 -20.78 -13.41 8.79
C ASP B 161 -20.14 -14.14 10.01
N GLY B 162 -19.59 -15.33 9.82
CA GLY B 162 -18.93 -16.05 10.91
C GLY B 162 -17.71 -15.33 11.48
N TYR B 163 -16.89 -14.81 10.59
CA TYR B 163 -15.69 -14.09 10.99
C TYR B 163 -15.97 -12.72 11.54
N GLU B 164 -16.91 -12.00 10.95
CA GLU B 164 -17.25 -10.64 11.42
C GLU B 164 -17.80 -10.60 12.84
N LYS B 165 -18.56 -11.62 13.22
CA LYS B 165 -19.09 -11.70 14.59
C LYS B 165 -17.96 -11.77 15.61
N PHE B 166 -16.87 -12.46 15.28
CA PHE B 166 -15.67 -12.45 16.12
C PHE B 166 -14.92 -11.15 16.01
N VAL B 167 -14.62 -10.69 14.80
CA VAL B 167 -13.80 -9.49 14.61
C VAL B 167 -14.47 -8.25 15.24
N ASP B 168 -15.78 -8.12 15.09
CA ASP B 168 -16.51 -6.98 15.64
C ASP B 168 -16.82 -7.09 17.13
N ASN B 169 -16.69 -8.27 17.73
CA ASN B 169 -16.96 -8.46 19.17
C ASN B 169 -16.20 -9.72 19.67
N PRO B 170 -14.88 -9.60 19.85
CA PRO B 170 -14.07 -10.76 20.17
C PRO B 170 -14.26 -11.17 21.61
N THR B 171 -14.78 -12.39 21.79
CA THR B 171 -15.01 -12.99 23.12
C THR B 171 -14.67 -14.45 22.93
N PRO B 172 -14.44 -15.21 24.03
CA PRO B 172 -14.21 -16.63 23.85
C PRO B 172 -15.33 -17.33 23.08
N LYS B 173 -16.59 -16.94 23.28
CA LYS B 173 -17.69 -17.56 22.54
C LYS B 173 -17.66 -17.20 21.05
N THR B 174 -17.51 -15.91 20.72
CA THR B 174 -17.51 -15.49 19.29
C THR B 174 -16.26 -16.05 18.62
N PHE B 175 -15.14 -16.14 19.37
CA PHE B 175 -13.93 -16.80 18.87
C PHE B 175 -14.17 -18.28 18.59
N LEU B 176 -14.74 -19.02 19.56
CA LEU B 176 -15.07 -20.45 19.38
C LEU B 176 -15.94 -20.69 18.14
N GLU B 177 -16.96 -19.85 17.99
CA GLU B 177 -17.87 -19.96 16.84
C GLU B 177 -17.12 -19.71 15.56
N SER B 178 -16.25 -18.69 15.54
CA SER B 178 -15.47 -18.40 14.34
C SER B 178 -14.56 -19.54 13.92
N ILE B 179 -14.06 -20.32 14.89
CA ILE B 179 -13.22 -21.48 14.59
C ILE B 179 -13.99 -22.54 13.79
N VAL B 180 -15.28 -22.71 14.04
CA VAL B 180 -16.12 -23.64 13.26
C VAL B 180 -16.11 -23.19 11.79
N TYR B 181 -16.28 -21.88 11.58
CA TYR B 181 -16.15 -21.29 10.23
C TYR B 181 -14.77 -21.52 9.65
N ASP B 182 -13.73 -21.37 10.48
CA ASP B 182 -12.38 -21.61 10.00
C ASP B 182 -12.20 -23.04 9.52
N VAL B 183 -12.67 -23.99 10.33
CA VAL B 183 -12.55 -25.40 9.99
C VAL B 183 -13.35 -25.75 8.74
N ILE B 184 -14.49 -25.07 8.52
CA ILE B 184 -15.21 -25.15 7.25
C ILE B 184 -14.34 -24.62 6.09
N LEU B 185 -13.81 -23.40 6.23
CA LEU B 185 -13.04 -22.80 5.14
C LEU B 185 -11.83 -23.65 4.76
N GLU B 186 -11.04 -24.01 5.75
CA GLU B 186 -9.79 -24.75 5.53
C GLU B 186 -9.95 -26.23 5.33
N GLY B 187 -10.84 -26.82 6.11
CA GLY B 187 -11.06 -28.27 6.13
C GLY B 187 -12.14 -28.84 5.26
N LEU B 188 -13.06 -28.02 4.76
CA LEU B 188 -14.13 -28.49 3.88
C LEU B 188 -14.04 -27.82 2.52
N ASN B 189 -14.04 -26.50 2.50
CA ASN B 189 -14.02 -25.79 1.21
C ASN B 189 -12.76 -26.01 0.40
N PHE B 190 -11.60 -25.91 1.03
CA PHE B 190 -10.34 -26.19 0.31
C PHE B 190 -10.28 -27.64 -0.09
N TYR B 191 -10.68 -28.54 0.80
CA TYR B 191 -10.60 -29.98 0.48
C TYR B 191 -11.49 -30.37 -0.67
N SER B 192 -12.67 -29.76 -0.76
CA SER B 192 -13.57 -29.99 -1.90
C SER B 192 -12.91 -29.53 -3.18
N GLY B 193 -12.28 -28.38 -3.13
CA GLY B 193 -11.56 -27.83 -4.26
C GLY B 193 -10.36 -28.63 -4.69
N PHE B 194 -9.60 -29.19 -3.73
CA PHE B 194 -8.45 -30.04 -4.10
C PHE B 194 -8.81 -31.19 -5.00
N ALA B 195 -9.98 -31.80 -4.80
CA ALA B 195 -10.44 -32.92 -5.61
C ALA B 195 -10.49 -32.65 -7.12
N PHE B 196 -10.94 -31.45 -7.48
CA PHE B 196 -11.01 -30.98 -8.87
C PHE B 196 -9.63 -31.02 -9.51
N PHE B 197 -8.65 -30.44 -8.83
CA PHE B 197 -7.28 -30.38 -9.36
C PHE B 197 -6.63 -31.75 -9.44
N TYR B 198 -6.85 -32.57 -8.42
CA TYR B 198 -6.31 -33.95 -8.42
C TYR B 198 -6.98 -34.83 -9.48
N ASN B 199 -8.26 -34.59 -9.77
CA ASN B 199 -8.95 -35.31 -10.85
C ASN B 199 -8.37 -34.95 -12.21
N LEU B 200 -8.03 -33.68 -12.43
CA LEU B 200 -7.33 -33.31 -13.69
C LEU B 200 -5.97 -34.04 -13.77
N ALA B 201 -5.24 -34.06 -12.64
CA ALA B 201 -3.91 -34.66 -12.56
C ALA B 201 -3.92 -36.15 -12.88
N ARG B 202 -4.89 -36.88 -12.34
CA ARG B 202 -5.03 -38.35 -12.62
C ARG B 202 -5.37 -38.61 -14.09
N ASN B 203 -5.85 -37.60 -14.80
CA ASN B 203 -6.09 -37.66 -16.23
C ASN B 203 -4.99 -36.95 -17.01
N GLN B 204 -3.81 -36.80 -16.39
CA GLN B 204 -2.63 -36.18 -16.97
C GLN B 204 -2.85 -34.74 -17.44
N LYS B 205 -3.65 -33.98 -16.71
CA LYS B 205 -3.94 -32.60 -17.08
C LYS B 205 -3.55 -31.69 -15.92
N VAL B 207 -0.80 -30.87 -14.31
CA VAL B 207 -0.01 -31.55 -13.30
C VAL B 207 0.85 -30.61 -12.43
N SER B 208 1.37 -29.53 -12.99
CA SER B 208 2.10 -28.53 -12.18
C SER B 208 1.17 -27.80 -11.22
N THR B 209 -0.05 -27.53 -11.65
CA THR B 209 -1.02 -26.92 -10.80
C THR B 209 -1.36 -27.89 -9.66
N SER B 210 -1.50 -29.16 -10.00
CA SER B 210 -1.80 -30.21 -9.04
C SER B 210 -0.67 -30.33 -7.98
N THR B 211 0.56 -30.09 -8.41
CA THR B 211 1.70 -30.12 -7.51
C THR B 211 1.63 -28.97 -6.53
N ILE B 213 -1.11 -27.39 -5.57
CA ILE B 213 -2.24 -27.71 -4.72
C ILE B 213 -1.85 -28.70 -3.63
N ASN B 214 -1.07 -29.69 -3.99
CA ASN B 214 -0.49 -30.63 -3.06
C ASN B 214 0.30 -29.98 -1.91
N TYR B 215 1.13 -29.00 -2.26
CA TYR B 215 1.85 -28.24 -1.24
C TYR B 215 0.91 -27.47 -0.36
N ILE B 216 -0.09 -26.85 -0.96
CA ILE B 216 -1.12 -26.10 -0.18
C ILE B 216 -1.91 -27.04 0.77
N ASN B 217 -2.25 -28.22 0.24
CA ASN B 217 -2.95 -29.31 0.94
C ASN B 217 -2.13 -29.84 2.14
N ARG B 218 -0.82 -29.98 1.98
CA ARG B 218 0.05 -30.37 3.10
C ARG B 218 0.01 -29.31 4.20
N ASP B 219 0.05 -28.03 3.83
CA ASP B 219 -0.06 -26.93 4.85
C ASP B 219 -1.43 -26.92 5.51
N GLU B 220 -2.46 -27.07 4.69
CA GLU B 220 -3.84 -27.07 5.14
C GLU B 220 -4.15 -28.11 6.23
N GLN B 221 -3.59 -29.30 6.07
CA GLN B 221 -3.76 -30.38 7.06
C GLN B 221 -3.37 -29.93 8.47
N LEU B 222 -2.24 -29.23 8.56
CA LEU B 222 -1.75 -28.72 9.83
C LEU B 222 -2.52 -27.51 10.30
N HIS B 223 -3.04 -26.67 9.39
CA HIS B 223 -3.93 -25.56 9.78
C HIS B 223 -5.20 -26.07 10.52
N VAL B 224 -5.80 -27.13 9.98
CA VAL B 224 -7.00 -27.76 10.53
C VAL B 224 -6.64 -28.40 11.87
N TYR B 225 -5.49 -29.09 11.95
CA TYR B 225 -4.98 -29.62 13.22
C TYR B 225 -4.87 -28.52 14.27
N LEU B 226 -4.26 -27.38 13.91
CA LEU B 226 -4.12 -26.28 14.87
C LEU B 226 -5.44 -25.72 15.36
N PHE B 227 -6.32 -25.37 14.42
CA PHE B 227 -7.61 -24.79 14.75
C PHE B 227 -8.52 -25.72 15.55
N THR B 228 -8.56 -26.99 15.18
CA THR B 228 -9.33 -27.98 15.90
C THR B 228 -8.76 -28.15 17.31
N ASN B 229 -7.43 -28.11 17.47
CA ASN B 229 -6.82 -28.15 18.80
C ASN B 229 -7.22 -26.96 19.66
N ILE B 230 -7.22 -25.76 19.06
CA ILE B 230 -7.59 -24.54 19.80
C ILE B 230 -9.04 -24.63 20.27
N PHE B 231 -9.92 -25.07 19.39
CA PHE B 231 -11.34 -25.25 19.71
C PHE B 231 -11.50 -26.16 20.93
N LYS B 232 -10.83 -27.32 20.90
CA LYS B 232 -10.90 -28.28 22.01
C LYS B 232 -10.34 -27.67 23.32
N GLU B 233 -9.25 -26.91 23.23
CA GLU B 233 -8.74 -26.23 24.44
C GLU B 233 -9.67 -25.17 24.97
N LEU B 234 -10.33 -24.41 24.09
CA LEU B 234 -11.32 -23.42 24.57
C LEU B 234 -12.43 -24.09 25.38
N LEU B 235 -12.86 -25.29 24.97
CA LEU B 235 -13.90 -26.04 25.72
C LEU B 235 -13.43 -26.48 27.11
N VAL B 236 -12.12 -26.70 27.27
CA VAL B 236 -11.52 -27.04 28.56
C VAL B 236 -11.43 -25.78 29.40
N GLU B 237 -10.96 -24.70 28.79
CA GLU B 237 -10.76 -23.46 29.49
C GLU B 237 -12.06 -22.75 29.83
N PHE B 238 -13.06 -22.88 28.97
CA PHE B 238 -14.36 -22.26 29.16
C PHE B 238 -15.40 -23.39 29.10
N PRO B 239 -15.52 -24.16 30.19
CA PRO B 239 -16.44 -25.29 30.20
C PRO B 239 -17.91 -24.94 29.95
N GLU B 240 -18.31 -23.70 30.22
CA GLU B 240 -19.66 -23.22 29.91
C GLU B 240 -20.01 -23.27 28.42
N LEU B 241 -18.99 -23.30 27.56
CA LEU B 241 -19.18 -23.47 26.13
C LEU B 241 -19.30 -24.93 25.69
N ASN B 242 -19.01 -25.89 26.58
CA ASN B 242 -19.04 -27.30 26.24
C ASN B 242 -20.42 -27.84 26.60
N THR B 243 -21.39 -27.56 25.74
CA THR B 243 -22.78 -27.90 25.94
C THR B 243 -23.39 -28.58 24.72
N GLU B 244 -24.62 -29.06 24.88
CA GLU B 244 -25.40 -29.61 23.77
C GLU B 244 -25.71 -28.55 22.72
N GLU B 245 -25.95 -27.32 23.17
CA GLU B 245 -26.15 -26.18 22.30
C GLU B 245 -24.97 -26.05 21.32
N THR B 246 -23.73 -26.14 21.83
CA THR B 246 -22.54 -26.06 20.99
C THR B 246 -22.49 -27.22 20.00
N LYS B 247 -22.87 -28.42 20.42
CA LYS B 247 -22.92 -29.59 19.47
C LYS B 247 -23.90 -29.36 18.29
N THR B 248 -25.07 -28.79 18.62
CA THR B 248 -26.11 -28.45 17.65
C THR B 248 -25.62 -27.33 16.74
N PHE B 249 -25.01 -26.30 17.32
CA PHE B 249 -24.38 -25.23 16.54
C PHE B 249 -23.40 -25.77 15.48
N VAL B 250 -22.51 -26.64 15.93
CA VAL B 250 -21.51 -27.24 15.03
C VAL B 250 -22.20 -28.02 13.91
N LYS B 251 -23.20 -28.84 14.25
CA LYS B 251 -23.94 -29.59 13.22
C LYS B 251 -24.62 -28.68 12.23
N THR B 252 -25.38 -27.71 12.72
CA THR B 252 -26.13 -26.81 11.83
C THR B 252 -25.24 -25.98 10.94
N THR B 253 -24.10 -25.51 11.47
CA THR B 253 -23.13 -24.70 10.74
C THR B 253 -22.45 -25.55 9.67
N LEU B 254 -22.02 -26.76 10.04
CA LEU B 254 -21.46 -27.71 9.04
C LEU B 254 -22.42 -28.10 7.92
N LYS B 256 -25.05 -26.37 6.75
CA LYS B 256 -25.25 -25.25 5.82
C LYS B 256 -24.04 -25.06 4.90
N ALA B 257 -22.83 -25.16 5.48
CA ALA B 257 -21.60 -25.05 4.72
C ALA B 257 -21.56 -26.13 3.67
N ALA B 258 -21.95 -27.35 4.07
CA ALA B 258 -21.97 -28.50 3.16
C ALA B 258 -23.04 -28.34 2.07
N ASP B 259 -24.22 -27.85 2.43
CA ASP B 259 -25.28 -27.56 1.44
C ASP B 259 -24.76 -26.55 0.41
N LEU B 260 -24.12 -25.47 0.87
CA LEU B 260 -23.60 -24.44 -0.05
C LEU B 260 -22.51 -24.98 -0.95
N GLU B 261 -21.65 -25.83 -0.41
CA GLU B 261 -20.62 -26.46 -1.23
C GLU B 261 -21.20 -27.34 -2.34
N LYS B 262 -22.19 -28.14 -2.01
CA LYS B 262 -22.81 -29.05 -2.96
C LYS B 262 -23.51 -28.28 -4.07
N ASP B 263 -24.22 -27.19 -3.69
CA ASP B 263 -24.89 -26.31 -4.64
C ASP B 263 -23.91 -25.64 -5.60
N TRP B 264 -22.83 -25.13 -5.03
CA TRP B 264 -21.77 -24.53 -5.81
C TRP B 264 -21.25 -25.53 -6.82
N PHE B 265 -20.97 -26.75 -6.36
CA PHE B 265 -20.49 -27.79 -7.28
C PHE B 265 -21.48 -28.12 -8.41
N ARG B 266 -22.77 -28.17 -8.08
CA ARG B 266 -23.82 -28.41 -9.06
C ARG B 266 -23.82 -27.29 -10.08
N TYR B 267 -23.56 -26.08 -9.62
CA TYR B 267 -23.56 -24.87 -10.46
C TYR B 267 -22.36 -24.73 -11.38
N ILE B 268 -21.17 -25.04 -10.89
CA ILE B 268 -19.97 -24.87 -11.70
C ILE B 268 -19.53 -26.10 -12.48
N ILE B 269 -19.91 -27.31 -12.04
CA ILE B 269 -19.45 -28.55 -12.69
C ILE B 269 -20.57 -29.52 -13.00
N GLY B 270 -21.48 -29.76 -12.04
CA GLY B 270 -22.59 -30.72 -12.24
C GLY B 270 -22.05 -32.05 -12.73
N ASP B 271 -22.70 -32.62 -13.74
CA ASP B 271 -22.28 -33.89 -14.33
C ASP B 271 -21.42 -33.75 -15.60
N LYS B 272 -20.78 -32.59 -15.78
CA LYS B 272 -20.01 -32.33 -17.01
C LYS B 272 -18.52 -32.72 -16.97
N ILE B 273 -17.99 -33.22 -15.84
CA ILE B 273 -16.57 -33.60 -15.81
C ILE B 273 -16.38 -35.06 -15.38
N PRO B 274 -15.92 -35.93 -16.30
CA PRO B 274 -15.63 -37.33 -15.92
C PRO B 274 -14.57 -37.47 -14.82
N GLY B 275 -14.85 -38.33 -13.85
CA GLY B 275 -13.96 -38.53 -12.71
C GLY B 275 -14.48 -37.87 -11.45
N ILE B 276 -15.35 -36.86 -11.57
CA ILE B 276 -15.96 -36.21 -10.40
C ILE B 276 -17.46 -36.07 -10.63
N ASN B 277 -18.21 -37.14 -10.40
CA ASN B 277 -19.65 -37.10 -10.56
C ASN B 277 -20.27 -36.43 -9.32
N PRO B 278 -21.45 -35.81 -9.48
CA PRO B 278 -22.01 -35.08 -8.34
C PRO B 278 -22.45 -35.92 -7.13
N GLU B 279 -22.98 -37.12 -7.32
CA GLU B 279 -23.39 -37.98 -6.20
C GLU B 279 -22.20 -38.25 -5.29
N ASP B 280 -21.11 -38.71 -5.89
CA ASP B 280 -19.86 -38.97 -5.16
C ASP B 280 -19.23 -37.73 -4.51
N GLU B 282 -20.94 -35.08 -3.55
CA GLU B 282 -21.82 -34.75 -2.44
C GLU B 282 -21.58 -35.66 -1.22
N THR B 283 -21.37 -36.94 -1.46
CA THR B 283 -21.03 -37.88 -0.40
C THR B 283 -19.65 -37.55 0.21
N TYR B 284 -18.72 -37.11 -0.63
CA TYR B 284 -17.39 -36.69 -0.17
C TYR B 284 -17.48 -35.47 0.73
N ILE B 285 -18.26 -34.49 0.31
CA ILE B 285 -18.47 -33.27 1.09
C ILE B 285 -19.05 -33.62 2.47
N SER B 286 -20.05 -34.51 2.52
CA SER B 286 -20.64 -34.97 3.80
C SER B 286 -19.64 -35.71 4.69
N PHE B 287 -18.84 -36.57 4.07
CA PHE B 287 -17.83 -37.34 4.75
C PHE B 287 -16.80 -36.40 5.39
N ILE B 288 -16.36 -35.37 4.64
CA ILE B 288 -15.38 -34.44 5.18
CA ILE B 288 -15.40 -34.39 5.14
C ILE B 288 -16.01 -33.62 6.31
N ALA B 289 -17.28 -33.23 6.18
CA ALA B 289 -18.00 -32.52 7.27
C ALA B 289 -17.99 -33.35 8.56
N ASN B 290 -18.22 -34.66 8.43
CA ASN B 290 -18.15 -35.59 9.58
C ASN B 290 -16.77 -35.66 10.21
N LYS B 291 -15.76 -35.83 9.37
CA LYS B 291 -14.36 -35.86 9.81
C LYS B 291 -14.04 -34.63 10.64
N ARG B 292 -14.44 -33.45 10.17
CA ARG B 292 -14.13 -32.20 10.89
C ARG B 292 -14.88 -32.13 12.22
N ALA B 293 -16.14 -32.55 12.23
CA ALA B 293 -16.92 -32.62 13.48
C ALA B 293 -16.16 -33.48 14.50
N VAL B 294 -15.65 -34.64 14.06
CA VAL B 294 -14.91 -35.55 14.94
C VAL B 294 -13.62 -34.90 15.44
N GLN B 295 -12.91 -34.20 14.54
CA GLN B 295 -11.67 -33.52 14.92
CA GLN B 295 -11.67 -33.49 14.91
C GLN B 295 -11.93 -32.37 15.91
N LEU B 296 -13.12 -31.77 15.83
CA LEU B 296 -13.52 -30.76 16.83
C LEU B 296 -13.96 -31.40 18.18
N GLY B 297 -13.98 -32.72 18.29
CA GLY B 297 -14.49 -33.41 19.47
C GLY B 297 -16.01 -33.34 19.57
N GLU B 299 -20.05 -34.05 17.41
CA GLU B 299 -20.83 -35.13 16.82
C GLU B 299 -21.01 -34.88 15.35
N LYS B 300 -21.01 -35.95 14.58
CA LYS B 300 -21.14 -35.86 13.14
C LYS B 300 -22.54 -35.39 12.70
N PRO B 301 -22.61 -34.45 11.74
CA PRO B 301 -23.94 -34.08 11.21
C PRO B 301 -24.60 -35.14 10.32
N TYR B 302 -23.79 -36.02 9.68
CA TYR B 302 -24.28 -37.02 8.72
C TYR B 302 -23.72 -38.42 9.07
N PRO B 303 -24.11 -38.95 10.26
CA PRO B 303 -23.58 -40.20 10.84
C PRO B 303 -23.74 -41.46 9.98
N GLU B 304 -24.78 -41.45 9.16
CA GLU B 304 -24.99 -42.47 8.12
C GLU B 304 -23.86 -42.59 7.07
N ILE B 305 -23.13 -41.50 6.84
CA ILE B 305 -22.02 -41.47 5.88
C ILE B 305 -20.73 -41.79 6.63
N LYS B 306 -20.31 -43.04 6.52
CA LYS B 306 -19.18 -43.57 7.29
C LYS B 306 -17.93 -43.85 6.49
N HIS B 307 -18.03 -43.90 5.16
CA HIS B 307 -16.93 -44.28 4.29
C HIS B 307 -16.59 -43.25 3.22
N ASN B 308 -15.29 -43.06 2.99
CA ASN B 308 -14.80 -42.16 1.99
C ASN B 308 -15.14 -42.64 0.56
N PRO B 309 -15.95 -41.86 -0.17
CA PRO B 309 -16.28 -42.22 -1.56
C PRO B 309 -15.22 -41.82 -2.62
N LYS B 311 -11.57 -42.36 -2.25
CA LYS B 311 -10.30 -42.82 -1.64
C LYS B 311 -9.12 -42.68 -2.57
N TRP B 312 -9.35 -42.62 -3.89
CA TRP B 312 -8.29 -42.35 -4.88
C TRP B 312 -7.53 -41.02 -4.59
N ILE B 313 -8.18 -40.05 -3.93
CA ILE B 313 -7.54 -38.78 -3.53
C ILE B 313 -6.29 -39.02 -2.62
N ARG B 314 -6.31 -40.07 -1.78
CA ARG B 314 -5.17 -40.45 -0.89
C ARG B 314 -3.86 -40.60 -1.65
N ALA B 315 -3.92 -41.07 -2.90
CA ALA B 315 -2.75 -41.14 -3.78
C ALA B 315 -2.18 -39.75 -4.20
N TYR B 316 -2.88 -38.64 -3.90
CA TYR B 316 -2.47 -37.23 -4.16
C TYR B 316 -2.54 -36.52 -2.80
N GLU B 317 -1.49 -36.65 -1.99
CA GLU B 317 -1.40 -36.09 -0.61
C GLU B 317 -0.22 -36.71 0.19
N GLN C 4 20.95 19.26 -11.67
CA GLN C 4 20.73 19.44 -13.15
C GLN C 4 20.11 18.17 -13.71
N LEU C 5 19.03 18.32 -14.48
CA LEU C 5 18.32 17.17 -15.06
C LEU C 5 18.89 16.72 -16.38
N GLN C 6 18.81 15.41 -16.63
CA GLN C 6 19.18 14.78 -17.88
C GLN C 6 17.86 14.57 -18.62
N LYS C 7 17.83 14.88 -19.93
CA LYS C 7 16.65 14.65 -20.76
C LYS C 7 16.31 13.16 -20.78
N ARG C 8 15.01 12.85 -20.89
CA ARG C 8 14.59 11.49 -21.08
C ARG C 8 15.29 10.92 -22.33
N LYS C 9 15.87 9.72 -22.24
CA LYS C 9 16.47 9.06 -23.40
C LYS C 9 15.32 8.41 -24.16
N ILE C 10 15.31 8.54 -25.50
CA ILE C 10 14.28 7.95 -26.39
C ILE C 10 14.31 6.39 -26.43
N TYR C 11 15.40 5.80 -25.94
CA TYR C 11 15.61 4.37 -25.99
C TYR C 11 16.66 3.99 -24.98
N ASP C 12 16.39 3.00 -24.13
CA ASP C 12 17.42 2.53 -23.19
C ASP C 12 17.30 1.05 -22.86
N THR C 13 18.15 0.25 -23.51
CA THR C 13 18.19 -1.18 -23.28
C THR C 13 18.63 -1.60 -21.86
N THR C 14 19.33 -0.71 -21.13
CA THR C 14 19.79 -0.96 -19.74
C THR C 14 18.69 -0.75 -18.67
N ALA C 15 17.56 -0.12 -19.06
CA ALA C 15 16.47 0.18 -18.14
C ALA C 15 15.29 -0.78 -18.35
N SER C 16 14.42 -0.79 -17.35
CA SER C 16 13.20 -1.58 -17.33
C SER C 16 12.08 -0.65 -17.82
N ASN C 17 10.98 -1.24 -18.26
CA ASN C 17 9.82 -0.48 -18.77
C ASN C 17 9.16 0.41 -17.71
N ALA C 18 9.05 -0.10 -16.47
CA ALA C 18 8.50 0.67 -15.35
C ALA C 18 9.63 1.60 -14.85
N SER C 19 9.32 2.89 -14.67
CA SER C 19 10.31 3.89 -14.27
C SER C 19 10.85 3.72 -12.84
N THR C 20 12.12 4.08 -12.64
CA THR C 20 12.73 4.10 -11.29
C THR C 20 12.59 5.51 -10.65
N GLY C 21 12.19 6.54 -11.41
CA GLY C 21 12.01 7.88 -10.85
C GLY C 21 11.47 8.82 -11.93
N ILE C 22 10.67 9.81 -11.53
CA ILE C 22 10.08 10.83 -12.44
C ILE C 22 11.13 11.70 -13.15
N LEU C 23 12.25 11.97 -12.48
CA LEU C 23 13.32 12.80 -13.04
C LEU C 23 14.64 12.20 -12.66
N ASN C 24 15.58 12.20 -13.61
CA ASN C 24 16.89 11.55 -13.42
C ASN C 24 16.75 10.06 -13.04
N GLY C 25 15.66 9.43 -13.52
CA GLY C 25 15.39 8.03 -13.23
C GLY C 25 15.83 7.22 -14.44
N LYS C 26 15.57 5.91 -14.38
CA LYS C 26 15.88 4.98 -15.47
C LYS C 26 14.55 4.45 -16.03
N SER C 27 14.38 4.50 -17.37
CA SER C 27 13.19 4.06 -18.09
C SER C 27 13.65 3.61 -19.48
N SER C 28 13.14 2.47 -19.93
CA SER C 28 13.49 1.95 -21.25
C SER C 28 12.90 2.78 -22.40
N ASN C 29 11.78 3.44 -22.10
CA ASN C 29 10.95 4.27 -23.00
C ASN C 29 9.93 3.45 -23.82
N VAL C 30 9.86 2.13 -23.56
CA VAL C 30 8.86 1.25 -24.16
C VAL C 30 7.76 1.19 -23.06
N LEU C 31 6.54 1.58 -23.42
CA LEU C 31 5.42 1.66 -22.46
C LEU C 31 4.44 0.49 -22.51
N ASN C 32 4.46 -0.31 -21.44
CA ASN C 32 3.52 -1.41 -21.21
C ASN C 32 2.57 -0.82 -20.20
N TRP C 33 1.32 -0.55 -20.60
CA TRP C 33 0.37 0.11 -19.65
C TRP C 33 -0.01 -0.69 -18.41
N ASP C 34 0.15 -2.01 -18.47
CA ASP C 34 -0.07 -2.88 -17.28
C ASP C 34 1.20 -3.07 -16.39
N ASP C 35 2.32 -2.37 -16.72
CA ASP C 35 3.58 -2.41 -15.97
C ASP C 35 4.14 -0.99 -15.82
N VAL C 36 3.51 -0.21 -14.93
CA VAL C 36 3.87 1.20 -14.71
C VAL C 36 4.03 1.49 -13.21
N ARG C 37 4.83 2.50 -12.94
CA ARG C 37 5.19 2.91 -11.59
C ARG C 37 4.04 3.39 -10.74
N PHE C 38 3.12 4.14 -11.32
CA PHE C 38 2.00 4.76 -10.58
C PHE C 38 0.67 4.08 -10.91
N SER C 39 -0.02 3.58 -9.88
CA SER C 39 -1.27 2.84 -10.08
C SER C 39 -2.46 3.72 -10.52
N TRP C 40 -2.33 5.04 -10.37
CA TRP C 40 -3.36 6.01 -10.81
C TRP C 40 -3.22 6.39 -12.27
N ALA C 41 -2.10 6.00 -12.94
CA ALA C 41 -1.81 6.47 -14.31
C ALA C 41 -2.74 5.87 -15.34
N TYR C 42 -2.92 4.57 -15.31
CA TYR C 42 -3.79 3.94 -16.29
C TYR C 42 -5.28 4.27 -16.09
N PRO C 43 -5.78 4.22 -14.85
CA PRO C 43 -7.16 4.74 -14.69
C PRO C 43 -7.37 6.22 -15.16
N LEU C 44 -6.39 7.09 -14.93
CA LEU C 44 -6.46 8.48 -15.38
C LEU C 44 -6.50 8.54 -16.90
N TYR C 45 -5.63 7.78 -17.54
CA TYR C 45 -5.60 7.66 -19.01
C TYR C 45 -6.99 7.25 -19.55
N LYS C 46 -7.56 6.19 -18.99
CA LYS C 46 -8.89 5.67 -19.39
C LYS C 46 -9.96 6.72 -19.22
N ASN C 47 -9.93 7.46 -18.11
CA ASN C 47 -10.86 8.56 -17.88
C ASN C 47 -10.76 9.65 -18.94
N LEU C 49 -9.53 9.40 -22.00
CA LEU C 49 -9.99 8.90 -23.28
C LEU C 49 -11.53 8.79 -23.34
N ALA C 50 -12.14 8.47 -22.21
CA ALA C 50 -13.59 8.35 -22.14
C ALA C 50 -14.26 9.71 -22.25
N ASN C 51 -13.55 10.77 -21.97
CA ASN C 51 -14.11 12.11 -22.00
C ASN C 51 -13.99 12.78 -23.35
N PHE C 52 -13.55 12.08 -24.40
CA PHE C 52 -13.39 12.66 -25.73
C PHE C 52 -14.65 13.44 -26.17
N TRP C 53 -14.43 14.60 -26.75
CA TRP C 53 -15.48 15.45 -27.29
C TRP C 53 -14.78 16.24 -28.41
N THR C 54 -15.59 16.65 -29.38
CA THR C 54 -15.21 17.47 -30.50
C THR C 54 -16.12 18.73 -30.51
N PRO C 55 -15.54 19.94 -30.74
CA PRO C 55 -16.41 21.13 -30.86
C PRO C 55 -17.40 21.06 -32.06
N PHE C 56 -17.09 20.27 -33.06
CA PHE C 56 -17.91 20.13 -34.23
C PHE C 56 -19.24 19.41 -33.98
N GLU C 57 -19.42 18.78 -32.81
CA GLU C 57 -20.70 18.20 -32.45
C GLU C 57 -21.55 19.18 -31.66
N ILE C 58 -21.06 20.39 -31.44
CA ILE C 58 -21.85 21.43 -30.77
C ILE C 58 -22.34 22.40 -31.84
N ASN C 59 -23.66 22.52 -31.94
CA ASN C 59 -24.29 23.39 -32.93
C ASN C 59 -24.38 24.79 -32.36
N SER C 61 -25.74 27.61 -33.87
CA SER C 61 -26.80 28.37 -34.51
C SER C 61 -27.57 29.28 -33.61
N HIS C 62 -28.11 28.75 -32.53
CA HIS C 62 -28.91 29.55 -31.60
CA HIS C 62 -28.91 29.58 -31.62
C HIS C 62 -28.07 30.54 -30.79
N ASP C 63 -26.85 30.13 -30.45
CA ASP C 63 -25.91 31.01 -29.76
C ASP C 63 -25.59 32.21 -30.63
N ALA C 64 -25.35 31.96 -31.92
CA ALA C 64 -25.06 33.00 -32.94
C ALA C 64 -26.16 34.03 -33.12
N LYS C 65 -27.40 33.56 -33.11
CA LYS C 65 -28.55 34.47 -33.20
C LYS C 65 -28.68 35.31 -31.94
N GLN C 66 -28.38 34.67 -30.81
CA GLN C 66 -28.50 35.30 -29.54
C GLN C 66 -27.37 36.27 -29.23
N PHE C 67 -26.15 36.04 -29.73
CA PHE C 67 -25.00 36.89 -29.39
C PHE C 67 -25.20 38.43 -29.55
N PRO C 68 -25.69 38.90 -30.72
CA PRO C 68 -25.94 40.32 -30.86
C PRO C 68 -27.00 40.92 -29.92
N THR C 69 -27.85 40.11 -29.31
CA THR C 69 -28.84 40.58 -28.34
C THR C 69 -28.28 40.73 -26.91
N LEU C 70 -27.06 40.26 -26.63
CA LEU C 70 -26.48 40.43 -25.31
C LEU C 70 -26.12 41.95 -25.19
N THR C 71 -25.83 42.42 -23.99
CA THR C 71 -25.49 43.84 -23.81
C THR C 71 -24.07 44.06 -24.33
N GLU C 72 -23.62 45.30 -24.47
CA GLU C 72 -22.27 45.55 -25.01
C GLU C 72 -21.18 45.00 -24.10
N THR C 73 -21.32 45.19 -22.78
CA THR C 73 -20.34 44.63 -21.81
C THR C 73 -20.36 43.11 -21.88
N GLU C 74 -21.56 42.53 -22.04
CA GLU C 74 -21.68 41.08 -22.19
C GLU C 74 -20.94 40.62 -23.46
N GLN C 75 -21.17 41.31 -24.57
CA GLN C 75 -20.48 40.98 -25.83
C GLN C 75 -18.96 41.20 -25.77
N GLU C 76 -18.50 42.32 -25.19
CA GLU C 76 -17.05 42.62 -25.07
C GLU C 76 -16.30 41.75 -24.12
N ALA C 77 -16.91 41.44 -22.98
CA ALA C 77 -16.32 40.52 -22.01
C ALA C 77 -16.19 39.17 -22.65
N PHE C 78 -17.20 38.73 -23.39
CA PHE C 78 -17.22 37.41 -24.07
C PHE C 78 -16.01 37.30 -24.99
N LYS C 79 -15.82 38.32 -25.83
CA LYS C 79 -14.69 38.44 -26.77
C LYS C 79 -13.28 38.42 -26.13
N LYS C 80 -13.09 39.19 -25.07
CA LYS C 80 -11.82 39.28 -24.39
C LYS C 80 -11.46 38.02 -23.64
N ILE C 81 -12.48 37.39 -23.03
CA ILE C 81 -12.28 36.17 -22.32
C ILE C 81 -11.83 35.11 -23.33
N ILE C 82 -12.44 35.02 -24.50
CA ILE C 82 -11.99 33.98 -25.47
C ILE C 82 -10.49 34.22 -25.89
N GLY C 83 -10.15 35.49 -26.17
CA GLY C 83 -8.79 35.94 -26.45
C GLY C 83 -7.80 35.36 -25.43
N LEU C 84 -8.04 35.62 -24.14
CA LEU C 84 -7.19 35.11 -23.03
C LEU C 84 -7.06 33.58 -23.05
N LEU C 85 -8.19 32.89 -23.19
CA LEU C 85 -8.17 31.40 -23.18
C LEU C 85 -7.46 30.74 -24.38
N ALA C 86 -7.63 31.32 -25.58
CA ALA C 86 -6.92 30.92 -26.79
C ALA C 86 -5.37 31.07 -26.57
N PHE C 87 -4.95 32.17 -25.93
CA PHE C 87 -3.53 32.40 -25.62
C PHE C 87 -3.02 31.32 -24.65
N LEU C 88 -3.68 31.22 -23.49
CA LEU C 88 -3.29 30.26 -22.47
C LEU C 88 -3.20 28.80 -22.99
N ASP C 89 -4.23 28.30 -23.69
CA ASP C 89 -4.18 26.90 -24.23
C ASP C 89 -3.22 26.71 -25.41
N SER C 90 -2.98 27.77 -26.18
CA SER C 90 -1.93 27.72 -27.21
C SER C 90 -0.57 27.47 -26.51
N VAL C 91 -0.26 28.29 -25.50
CA VAL C 91 1.00 28.16 -24.72
C VAL C 91 1.07 26.81 -23.94
N GLN C 92 -0.09 26.38 -23.40
CA GLN C 92 -0.19 25.15 -22.60
C GLN C 92 0.01 23.88 -23.47
N THR C 93 -0.47 23.91 -24.72
CA THR C 93 -0.25 22.81 -25.68
C THR C 93 1.25 22.56 -25.85
N ASP C 94 1.99 23.66 -25.93
CA ASP C 94 3.42 23.64 -26.15
C ASP C 94 4.15 23.24 -24.85
N TYR C 95 3.88 23.93 -23.75
CA TYR C 95 4.46 23.55 -22.45
C TYR C 95 4.32 22.05 -22.09
N SER C 96 3.09 21.54 -22.27
CA SER C 96 2.76 20.12 -21.97
C SER C 96 3.40 19.13 -22.94
N ARG C 98 6.30 19.97 -24.16
CA ARG C 98 7.67 20.15 -23.60
CA ARG C 98 7.67 20.13 -23.62
C ARG C 98 7.87 19.33 -22.36
N ALA C 99 6.94 19.51 -21.39
CA ALA C 99 6.89 18.78 -20.10
C ALA C 99 6.73 17.38 -20.64
N ALA C 100 7.56 16.47 -20.21
CA ALA C 100 7.63 15.21 -20.95
C ALA C 100 8.73 15.38 -21.99
N GLU C 101 9.88 15.80 -21.46
CA GLU C 101 11.18 15.71 -22.13
C GLU C 101 12.19 15.42 -21.01
N TYR C 102 12.03 16.10 -19.85
CA TYR C 102 12.80 15.73 -18.64
C TYR C 102 12.07 14.66 -17.84
N LEU C 103 10.80 14.36 -18.18
CA LEU C 103 10.04 13.30 -17.47
C LEU C 103 10.61 11.96 -17.84
N THR C 104 11.23 11.28 -16.88
CA THR C 104 11.83 9.96 -17.11
C THR C 104 10.90 8.78 -16.70
N ASP C 105 9.62 8.93 -16.98
CA ASP C 105 8.60 7.91 -16.78
C ASP C 105 7.71 7.91 -18.03
N SER C 106 7.67 6.77 -18.71
CA SER C 106 6.89 6.57 -19.96
C SER C 106 5.41 6.81 -19.83
N SER C 107 4.85 6.37 -18.73
CA SER C 107 3.42 6.60 -18.49
C SER C 107 3.09 8.07 -18.26
N LEU C 108 3.92 8.80 -17.52
CA LEU C 108 3.66 10.23 -17.33
C LEU C 108 3.88 11.04 -18.64
N ALA C 109 4.90 10.67 -19.39
CA ALA C 109 5.18 11.25 -20.69
C ALA C 109 3.95 11.07 -21.62
N ALA C 110 3.41 9.83 -21.66
CA ALA C 110 2.19 9.50 -22.44
C ALA C 110 0.97 10.32 -21.96
N LEU C 111 0.77 10.43 -20.65
CA LEU C 111 -0.31 11.23 -20.09
C LEU C 111 -0.15 12.72 -20.45
N SER C 113 1.27 13.76 -23.25
CA SER C 113 0.96 13.80 -24.67
CA SER C 113 0.95 13.78 -24.68
C SER C 113 -0.56 13.88 -24.85
N VAL C 114 -1.31 13.20 -23.97
CA VAL C 114 -2.77 13.22 -24.00
C VAL C 114 -3.28 14.58 -23.57
N LEU C 115 -2.64 15.16 -22.56
CA LEU C 115 -2.99 16.48 -22.07
C LEU C 115 -2.70 17.53 -23.17
N SER C 116 -1.54 17.47 -23.83
CA SER C 116 -1.22 18.41 -24.89
C SER C 116 -2.23 18.39 -26.07
N PHE C 117 -2.64 17.19 -26.49
CA PHE C 117 -3.68 17.01 -27.53
C PHE C 117 -4.97 17.68 -27.10
N GLN C 118 -5.38 17.38 -25.89
CA GLN C 118 -6.59 18.06 -25.29
C GLN C 118 -6.48 19.55 -25.40
N GLU C 119 -5.33 20.13 -25.05
CA GLU C 119 -5.10 21.55 -25.22
C GLU C 119 -5.25 22.08 -26.64
N VAL C 120 -4.80 21.29 -27.60
CA VAL C 120 -5.02 21.60 -29.01
C VAL C 120 -6.48 21.68 -29.36
N VAL C 121 -7.27 20.72 -28.87
CA VAL C 121 -8.70 20.71 -29.14
C VAL C 121 -9.35 21.91 -28.43
N HIS C 122 -8.91 22.21 -27.22
CA HIS C 122 -9.45 23.38 -26.51
C HIS C 122 -9.18 24.68 -27.27
N ASN C 123 -7.94 24.87 -27.71
CA ASN C 123 -7.57 26.07 -28.43
C ASN C 123 -8.37 26.19 -29.74
N GLN C 124 -8.51 25.10 -30.46
CA GLN C 124 -9.34 25.08 -31.67
C GLN C 124 -10.80 25.37 -31.43
N SER C 125 -11.31 24.96 -30.27
N SER C 125 -11.31 24.97 -30.25
CA SER C 125 -12.68 25.20 -29.90
CA SER C 125 -12.69 25.20 -29.90
C SER C 125 -12.95 26.70 -29.70
C SER C 125 -12.95 26.70 -29.69
N TYR C 126 -11.96 27.44 -29.20
CA TYR C 126 -12.07 28.92 -29.06
C TYR C 126 -12.16 29.58 -30.45
N SER C 127 -11.42 29.11 -31.43
CA SER C 127 -11.55 29.61 -32.81
C SER C 127 -12.90 29.24 -33.41
N TYR C 128 -13.36 28.03 -33.10
CA TYR C 128 -14.69 27.54 -33.57
C TYR C 128 -15.81 28.45 -33.05
N VAL C 129 -15.78 28.76 -31.76
CA VAL C 129 -16.74 29.64 -31.16
C VAL C 129 -16.68 31.02 -31.82
N LEU C 130 -15.50 31.61 -31.88
CA LEU C 130 -15.30 32.92 -32.56
C LEU C 130 -15.77 32.94 -34.02
N SER C 131 -15.41 31.90 -34.79
CA SER C 131 -15.81 31.80 -36.20
CA SER C 131 -15.82 31.81 -36.19
C SER C 131 -17.32 31.63 -36.38
N SER C 132 -18.03 31.26 -35.31
CA SER C 132 -19.48 31.10 -35.34
C SER C 132 -20.19 32.38 -34.97
N LEU C 133 -19.54 33.24 -34.19
CA LEU C 133 -20.20 34.41 -33.60
C LEU C 133 -19.77 35.79 -34.01
N VAL C 134 -18.52 35.97 -34.46
CA VAL C 134 -18.01 37.31 -34.75
C VAL C 134 -17.38 37.34 -36.14
N PRO C 135 -17.45 38.49 -36.84
CA PRO C 135 -16.83 38.56 -38.18
C PRO C 135 -15.35 38.36 -38.17
N LYS C 136 -14.81 37.90 -39.31
CA LYS C 136 -13.38 37.59 -39.45
C LYS C 136 -12.53 38.75 -38.98
N ALA C 137 -12.90 39.97 -39.34
CA ALA C 137 -12.18 41.16 -38.89
C ALA C 137 -12.05 41.11 -37.37
N THR C 138 -13.14 40.81 -36.67
CA THR C 138 -13.14 40.71 -35.20
C THR C 138 -12.34 39.48 -34.72
N GLN C 139 -12.61 38.29 -35.28
CA GLN C 139 -11.86 37.09 -34.89
C GLN C 139 -10.34 37.36 -35.00
N ASP C 140 -9.93 38.02 -36.09
CA ASP C 140 -8.52 38.45 -36.29
C ASP C 140 -8.08 39.37 -35.15
N GLU C 141 -8.90 40.38 -34.81
CA GLU C 141 -8.55 41.30 -33.72
C GLU C 141 -8.39 40.64 -32.35
N ILE C 142 -9.35 39.77 -32.03
CA ILE C 142 -9.33 38.99 -30.77
C ILE C 142 -8.00 38.19 -30.65
N PHE C 143 -7.60 37.55 -31.75
CA PHE C 143 -6.30 36.88 -31.77
C PHE C 143 -5.03 37.83 -31.75
N GLU C 144 -5.19 39.16 -31.83
CA GLU C 144 -4.10 40.15 -31.59
C GLU C 144 -4.16 40.86 -30.20
N TYR C 145 -5.23 40.62 -29.44
CA TYR C 145 -5.47 41.21 -28.10
C TYR C 145 -4.28 41.10 -27.11
N TRP C 146 -3.75 39.87 -27.00
CA TRP C 146 -2.58 39.50 -26.17
C TRP C 146 -1.30 40.35 -26.48
N LYS C 147 -1.17 40.78 -27.73
CA LYS C 147 -0.06 41.57 -28.23
C LYS C 147 -0.15 43.06 -27.89
N HIS C 148 -1.34 43.61 -27.67
CA HIS C 148 -1.48 45.06 -27.49
C HIS C 148 -2.00 45.58 -26.15
N ASP C 149 -2.79 44.78 -25.45
CA ASP C 149 -3.34 45.20 -24.17
C ASP C 149 -2.30 44.99 -23.08
N ASP C 150 -1.91 46.08 -22.39
CA ASP C 150 -0.90 45.99 -21.33
C ASP C 150 -1.35 45.18 -20.07
N VAL C 151 -2.66 45.11 -19.79
CA VAL C 151 -3.15 44.32 -18.65
C VAL C 151 -3.02 42.82 -18.98
N LEU C 152 -3.54 42.43 -20.15
CA LEU C 152 -3.46 41.04 -20.63
C LEU C 152 -1.99 40.62 -20.77
N LYS C 153 -1.16 41.57 -21.24
CA LYS C 153 0.26 41.34 -21.41
C LYS C 153 0.92 40.99 -20.09
N GLU C 154 0.75 41.83 -19.07
CA GLU C 154 1.35 41.61 -17.73
C GLU C 154 1.02 40.25 -17.08
N ARG C 155 -0.25 39.89 -17.11
CA ARG C 155 -0.67 38.59 -16.54
C ARG C 155 -0.17 37.42 -17.41
N ASN C 156 -0.20 37.58 -18.73
CA ASN C 156 0.36 36.54 -19.64
C ASN C 156 1.85 36.38 -19.37
N GLU C 157 2.57 37.49 -19.19
CA GLU C 157 4.02 37.42 -18.96
C GLU C 157 4.44 36.84 -17.60
N PHE C 158 3.59 36.98 -16.58
CA PHE C 158 3.76 36.31 -15.27
C PHE C 158 3.89 34.80 -15.56
N ILE C 159 2.88 34.23 -16.23
CA ILE C 159 2.85 32.81 -16.63
C ILE C 159 4.01 32.40 -17.52
N ILE C 160 4.29 33.23 -18.53
CA ILE C 160 5.39 32.99 -19.48
C ILE C 160 6.77 32.97 -18.80
N ASP C 161 7.03 33.87 -17.86
CA ASP C 161 8.31 33.87 -17.13
C ASP C 161 8.53 32.53 -16.42
N GLY C 162 7.49 32.00 -15.76
CA GLY C 162 7.61 30.75 -15.01
C GLY C 162 7.92 29.57 -15.90
N TYR C 163 7.10 29.40 -16.94
CA TYR C 163 7.30 28.36 -17.94
C TYR C 163 8.62 28.44 -18.69
N GLU C 164 9.09 29.65 -18.99
CA GLU C 164 10.39 29.83 -19.67
C GLU C 164 11.59 29.49 -18.77
N LYS C 165 11.50 29.73 -17.45
CA LYS C 165 12.61 29.31 -16.55
C LYS C 165 12.82 27.78 -16.62
N PHE C 166 11.73 27.03 -16.72
CA PHE C 166 11.78 25.57 -16.88
C PHE C 166 12.26 25.17 -18.27
N VAL C 167 11.73 25.81 -19.33
CA VAL C 167 12.12 25.50 -20.72
C VAL C 167 13.58 25.88 -21.02
N ASP C 168 13.99 27.09 -20.62
CA ASP C 168 15.37 27.57 -20.84
C ASP C 168 16.39 26.99 -19.85
N ASN C 169 15.97 26.70 -18.61
CA ASN C 169 16.85 26.02 -17.63
C ASN C 169 16.04 24.93 -16.89
N PRO C 170 15.99 23.70 -17.44
CA PRO C 170 15.30 22.55 -16.84
C PRO C 170 16.13 21.73 -15.80
N THR C 171 15.68 21.76 -14.53
CA THR C 171 16.28 21.06 -13.37
C THR C 171 15.10 20.59 -12.40
N PRO C 172 15.37 19.82 -11.30
CA PRO C 172 14.20 19.43 -10.43
C PRO C 172 13.51 20.57 -9.68
N LYS C 173 14.27 21.62 -9.37
CA LYS C 173 13.72 22.77 -8.66
C LYS C 173 12.89 23.57 -9.65
N THR C 174 13.42 23.85 -10.85
CA THR C 174 12.70 24.66 -11.84
C THR C 174 11.52 23.93 -12.43
N PHE C 175 11.59 22.58 -12.45
CA PHE C 175 10.50 21.73 -12.95
C PHE C 175 9.36 21.81 -11.96
N LEU C 176 9.69 21.58 -10.69
CA LEU C 176 8.71 21.71 -9.63
C LEU C 176 8.06 23.10 -9.63
N GLU C 177 8.86 24.12 -9.84
CA GLU C 177 8.39 25.51 -9.91
C GLU C 177 7.43 25.71 -11.09
N SER C 178 7.75 25.15 -12.26
CA SER C 178 6.87 25.31 -13.43
C SER C 178 5.53 24.56 -13.27
N ILE C 179 5.53 23.47 -12.52
CA ILE C 179 4.28 22.75 -12.17
C ILE C 179 3.37 23.65 -11.37
N VAL C 180 3.94 24.45 -10.48
CA VAL C 180 3.12 25.39 -9.78
C VAL C 180 2.44 26.36 -10.76
N TYR C 181 3.20 26.91 -11.72
CA TYR C 181 2.61 27.81 -12.73
C TYR C 181 1.54 27.09 -13.56
N ASP C 182 1.80 25.84 -13.89
CA ASP C 182 0.82 25.07 -14.62
C ASP C 182 -0.50 24.93 -13.94
N VAL C 183 -0.46 24.56 -12.65
CA VAL C 183 -1.63 24.45 -11.82
C VAL C 183 -2.37 25.80 -11.76
N ILE C 184 -1.66 26.92 -11.79
CA ILE C 184 -2.31 28.25 -11.84
C ILE C 184 -3.02 28.48 -13.19
N LEU C 185 -2.37 28.07 -14.29
CA LEU C 185 -2.92 28.26 -15.60
C LEU C 185 -4.19 27.40 -15.82
N GLU C 186 -4.10 26.12 -15.48
CA GLU C 186 -5.22 25.22 -15.64
C GLU C 186 -6.20 25.25 -14.52
N GLY C 187 -5.77 25.57 -13.32
CA GLY C 187 -6.61 25.52 -12.15
C GLY C 187 -7.15 26.80 -11.59
N LEU C 188 -6.64 27.95 -12.04
CA LEU C 188 -7.13 29.23 -11.51
C LEU C 188 -7.53 30.20 -12.65
N ASN C 189 -6.72 30.32 -13.68
CA ASN C 189 -7.06 31.20 -14.80
C ASN C 189 -8.31 30.65 -15.52
N PHE C 190 -8.27 29.37 -15.92
CA PHE C 190 -9.42 28.69 -16.60
C PHE C 190 -10.69 28.47 -15.76
N TYR C 191 -10.51 28.30 -14.44
CA TYR C 191 -11.66 28.16 -13.53
C TYR C 191 -12.40 29.46 -13.28
N SER C 192 -11.66 30.55 -13.18
CA SER C 192 -12.29 31.83 -13.07
C SER C 192 -13.08 32.09 -14.30
N GLY C 193 -12.41 31.95 -15.46
CA GLY C 193 -13.00 32.09 -16.80
C GLY C 193 -14.37 31.48 -17.02
N PHE C 194 -14.50 30.22 -16.59
CA PHE C 194 -15.74 29.49 -16.70
C PHE C 194 -16.94 30.27 -16.10
N ALA C 195 -16.74 30.91 -14.93
CA ALA C 195 -17.80 31.60 -14.16
C ALA C 195 -18.67 32.53 -15.00
N PHE C 196 -18.03 33.34 -15.83
CA PHE C 196 -18.77 34.25 -16.72
C PHE C 196 -19.72 33.50 -17.68
N PHE C 197 -19.23 32.42 -18.31
CA PHE C 197 -20.02 31.65 -19.26
C PHE C 197 -21.15 30.91 -18.56
N TYR C 198 -20.87 30.38 -17.38
CA TYR C 198 -21.92 29.72 -16.59
C TYR C 198 -22.98 30.68 -16.12
N ASN C 199 -22.59 31.89 -15.77
CA ASN C 199 -23.55 32.89 -15.41
C ASN C 199 -24.52 33.23 -16.55
N LEU C 200 -24.01 33.31 -17.77
CA LEU C 200 -24.85 33.56 -18.92
C LEU C 200 -25.81 32.36 -19.06
N ALA C 201 -25.28 31.13 -19.02
CA ALA C 201 -26.10 29.93 -19.20
C ALA C 201 -27.21 29.78 -18.15
N ARG C 202 -26.95 30.14 -16.90
CA ARG C 202 -27.99 30.07 -15.88
C ARG C 202 -29.10 31.13 -16.18
N ASN C 203 -28.79 32.12 -17.03
CA ASN C 203 -29.76 33.11 -17.50
C ASN C 203 -30.28 32.79 -18.90
N GLN C 204 -30.16 31.53 -19.31
CA GLN C 204 -30.58 31.05 -20.63
C GLN C 204 -29.92 31.79 -21.83
N LYS C 205 -28.64 32.16 -21.66
CA LYS C 205 -27.87 32.83 -22.70
C LYS C 205 -26.63 32.04 -23.00
N VAL C 207 -25.95 29.09 -24.16
CA VAL C 207 -25.96 27.77 -23.57
C VAL C 207 -25.08 26.81 -24.31
N SER C 208 -24.94 26.93 -25.63
CA SER C 208 -24.04 25.98 -26.33
C SER C 208 -22.56 26.27 -26.04
N THR C 209 -22.21 27.55 -25.94
CA THR C 209 -20.85 27.95 -25.56
C THR C 209 -20.56 27.42 -24.15
N SER C 210 -21.55 27.48 -23.27
CA SER C 210 -21.46 27.00 -21.89
C SER C 210 -21.20 25.48 -21.84
N THR C 211 -21.82 24.74 -22.74
CA THR C 211 -21.67 23.27 -22.84
C THR C 211 -20.25 22.96 -23.20
N ILE C 213 -17.57 25.04 -22.79
CA ILE C 213 -16.80 25.44 -21.61
C ILE C 213 -16.84 24.37 -20.51
N ASN C 214 -17.98 23.68 -20.38
CA ASN C 214 -18.13 22.57 -19.42
C ASN C 214 -17.28 21.35 -19.83
N TYR C 215 -17.24 21.06 -21.12
CA TYR C 215 -16.35 20.00 -21.60
C TYR C 215 -14.88 20.32 -21.32
N ILE C 216 -14.46 21.55 -21.61
CA ILE C 216 -13.09 22.02 -21.33
C ILE C 216 -12.79 21.88 -19.83
N ASN C 217 -13.74 22.33 -18.99
CA ASN C 217 -13.69 22.20 -17.52
C ASN C 217 -13.51 20.77 -17.04
N ARG C 218 -14.21 19.82 -17.64
CA ARG C 218 -14.09 18.42 -17.23
C ARG C 218 -12.64 17.97 -17.47
N ASP C 219 -12.08 18.33 -18.65
CA ASP C 219 -10.70 18.01 -19.00
C ASP C 219 -9.72 18.66 -18.08
N GLU C 220 -10.00 19.91 -17.74
CA GLU C 220 -9.14 20.68 -16.91
C GLU C 220 -8.96 20.13 -15.48
N GLN C 221 -10.04 19.61 -14.90
CA GLN C 221 -10.05 18.97 -13.58
C GLN C 221 -9.00 17.87 -13.54
N LEU C 222 -8.94 17.10 -14.61
CA LEU C 222 -8.00 15.99 -14.70
C LEU C 222 -6.56 16.46 -14.95
N HIS C 223 -6.36 17.56 -15.67
CA HIS C 223 -5.03 18.12 -15.87
C HIS C 223 -4.42 18.53 -14.54
N VAL C 224 -5.22 19.21 -13.74
CA VAL C 224 -4.82 19.65 -12.42
C VAL C 224 -4.46 18.42 -11.52
N TYR C 225 -5.25 17.35 -11.66
CA TYR C 225 -5.05 16.13 -10.90
C TYR C 225 -3.70 15.54 -11.26
N LEU C 226 -3.38 15.50 -12.56
CA LEU C 226 -2.09 14.98 -12.99
C LEU C 226 -0.93 15.81 -12.45
N PHE C 227 -0.99 17.12 -12.64
CA PHE C 227 0.12 18.03 -12.23
C PHE C 227 0.32 18.05 -10.74
N THR C 228 -0.77 18.08 -9.97
CA THR C 228 -0.65 18.04 -8.52
C THR C 228 -0.11 16.70 -8.03
N ASN C 229 -0.48 15.59 -8.68
CA ASN C 229 0.09 14.30 -8.33
C ASN C 229 1.62 14.29 -8.59
N ILE C 230 2.04 14.84 -9.72
CA ILE C 230 3.47 14.93 -10.07
C ILE C 230 4.22 15.78 -9.03
N PHE C 231 3.66 16.93 -8.67
CA PHE C 231 4.24 17.81 -7.63
C PHE C 231 4.52 17.05 -6.35
N LYS C 232 3.52 16.31 -5.86
CA LYS C 232 3.66 15.52 -4.60
C LYS C 232 4.65 14.39 -4.67
N GLU C 233 4.73 13.75 -5.83
CA GLU C 233 5.70 12.70 -6.09
C GLU C 233 7.14 13.22 -6.19
N LEU C 234 7.30 14.43 -6.72
CA LEU C 234 8.59 15.09 -6.78
C LEU C 234 9.10 15.43 -5.40
N LEU C 235 8.23 15.84 -4.47
CA LEU C 235 8.67 16.10 -3.09
C LEU C 235 9.10 14.79 -2.40
N VAL C 236 8.47 13.67 -2.73
CA VAL C 236 8.90 12.36 -2.19
C VAL C 236 10.27 12.02 -2.78
N GLU C 237 10.43 12.17 -4.09
CA GLU C 237 11.70 11.86 -4.75
C GLU C 237 12.88 12.75 -4.42
N PHE C 238 12.63 14.04 -4.24
CA PHE C 238 13.64 15.05 -3.93
C PHE C 238 13.26 15.72 -2.63
N PRO C 239 13.46 15.03 -1.47
CA PRO C 239 13.10 15.62 -0.16
C PRO C 239 13.80 16.94 0.18
N GLU C 240 14.93 17.20 -0.46
CA GLU C 240 15.63 18.48 -0.41
C GLU C 240 14.68 19.63 -0.73
N LEU C 241 13.75 19.40 -1.66
CA LEU C 241 12.75 20.38 -2.07
C LEU C 241 11.54 20.51 -1.11
N ASN C 242 11.31 19.53 -0.23
CA ASN C 242 10.23 19.58 0.75
C ASN C 242 10.62 20.48 1.94
N THR C 243 10.58 21.78 1.70
CA THR C 243 11.05 22.78 2.68
C THR C 243 10.01 23.85 2.95
N GLU C 244 10.26 24.64 3.97
CA GLU C 244 9.43 25.80 4.25
C GLU C 244 9.51 26.79 3.09
N GLU C 245 10.69 26.88 2.48
CA GLU C 245 10.95 27.73 1.33
C GLU C 245 10.00 27.39 0.18
N THR C 246 9.86 26.10 -0.12
CA THR C 246 8.90 25.62 -1.12
C THR C 246 7.46 26.00 -0.76
N LYS C 247 7.08 25.84 0.52
CA LYS C 247 5.75 26.25 0.95
C LYS C 247 5.53 27.72 0.70
N THR C 248 6.51 28.55 1.08
CA THR C 248 6.42 29.99 0.86
C THR C 248 6.32 30.36 -0.62
N PHE C 249 7.08 29.66 -1.45
CA PHE C 249 7.02 29.90 -2.89
C PHE C 249 5.62 29.67 -3.45
N VAL C 250 5.02 28.54 -3.09
CA VAL C 250 3.67 28.16 -3.57
C VAL C 250 2.64 29.18 -3.12
N LYS C 251 2.74 29.56 -1.84
CA LYS C 251 1.81 30.51 -1.27
C LYS C 251 1.92 31.89 -1.96
N THR C 252 3.14 32.38 -2.12
CA THR C 252 3.39 33.70 -2.75
CA THR C 252 3.37 33.70 -2.74
C THR C 252 3.03 33.73 -4.23
N THR C 253 3.30 32.64 -4.95
CA THR C 253 3.03 32.56 -6.34
C THR C 253 1.52 32.50 -6.57
N LEU C 254 0.82 31.74 -5.75
CA LEU C 254 -0.64 31.67 -5.85
C LEU C 254 -1.27 33.01 -5.52
N LYS C 256 0.10 36.06 -5.96
CA LYS C 256 0.33 36.97 -7.09
C LYS C 256 -0.59 36.58 -8.28
N ALA C 257 -0.76 35.29 -8.51
CA ALA C 257 -1.68 34.75 -9.55
C ALA C 257 -3.15 35.19 -9.27
N ALA C 258 -3.56 35.08 -8.01
CA ALA C 258 -4.90 35.47 -7.58
C ALA C 258 -5.11 36.99 -7.75
N ASP C 259 -4.13 37.80 -7.35
CA ASP C 259 -4.17 39.24 -7.51
C ASP C 259 -4.33 39.63 -8.98
N LEU C 260 -3.59 38.98 -9.85
CA LEU C 260 -3.69 39.27 -11.29
C LEU C 260 -5.07 38.89 -11.88
N GLU C 261 -5.62 37.76 -11.44
CA GLU C 261 -6.92 37.28 -11.90
C GLU C 261 -8.01 38.27 -11.43
N LYS C 262 -7.92 38.73 -10.19
CA LYS C 262 -8.86 39.70 -9.67
C LYS C 262 -8.77 41.05 -10.43
N ASP C 263 -7.55 41.53 -10.73
CA ASP C 263 -7.33 42.78 -11.53
CA ASP C 263 -7.38 42.78 -11.48
C ASP C 263 -7.98 42.63 -12.88
N TRP C 264 -7.74 41.48 -13.51
CA TRP C 264 -8.30 41.19 -14.82
C TRP C 264 -9.81 41.18 -14.85
N PHE C 265 -10.39 40.50 -13.87
CA PHE C 265 -11.84 40.48 -13.73
C PHE C 265 -12.44 41.88 -13.58
N ARG C 266 -11.86 42.72 -12.71
CA ARG C 266 -12.32 44.07 -12.58
C ARG C 266 -12.15 44.91 -13.84
N TYR C 267 -11.08 44.65 -14.58
CA TYR C 267 -10.82 45.31 -15.85
C TYR C 267 -11.85 45.00 -16.95
N ILE C 268 -12.22 43.72 -17.11
CA ILE C 268 -13.15 43.36 -18.20
C ILE C 268 -14.65 43.31 -17.82
N ILE C 269 -14.94 43.11 -16.54
CA ILE C 269 -16.33 42.93 -16.07
C ILE C 269 -16.68 43.87 -14.95
N GLY C 270 -15.94 43.84 -13.85
CA GLY C 270 -16.21 44.76 -12.72
C GLY C 270 -17.60 44.49 -12.19
N ASP C 271 -18.38 45.56 -12.00
CA ASP C 271 -19.75 45.47 -11.50
C ASP C 271 -20.81 45.61 -12.61
N LYS C 272 -20.43 45.39 -13.88
CA LYS C 272 -21.35 45.59 -15.02
C LYS C 272 -22.28 44.43 -15.43
N ILE C 273 -22.14 43.26 -14.84
CA ILE C 273 -22.92 42.08 -15.24
C ILE C 273 -23.69 41.47 -14.06
N PRO C 274 -25.04 41.62 -14.05
CA PRO C 274 -25.86 40.99 -13.03
C PRO C 274 -25.59 39.49 -12.95
N GLY C 275 -25.44 39.00 -11.74
CA GLY C 275 -25.16 37.59 -11.47
C GLY C 275 -23.74 37.26 -11.08
N ILE C 276 -22.80 38.18 -11.31
CA ILE C 276 -21.39 37.94 -10.94
C ILE C 276 -20.76 39.19 -10.36
N ASN C 277 -21.17 39.56 -9.16
CA ASN C 277 -20.63 40.76 -8.49
C ASN C 277 -19.14 40.58 -8.14
N PRO C 278 -18.38 41.66 -8.18
CA PRO C 278 -16.95 41.49 -7.98
C PRO C 278 -16.52 41.01 -6.58
N GLU C 279 -17.28 41.31 -5.54
CA GLU C 279 -16.92 40.88 -4.18
C GLU C 279 -16.91 39.35 -4.06
N ASP C 280 -17.96 38.73 -4.58
CA ASP C 280 -18.06 37.29 -4.58
C ASP C 280 -17.09 36.64 -5.52
N GLU C 282 -14.09 37.83 -6.32
CA GLU C 282 -12.80 37.94 -5.62
C GLU C 282 -12.67 36.85 -4.56
N THR C 283 -13.72 36.65 -3.77
CA THR C 283 -13.75 35.56 -2.79
C THR C 283 -13.61 34.20 -3.46
N TYR C 284 -14.29 34.05 -4.61
CA TYR C 284 -14.25 32.83 -5.37
C TYR C 284 -12.83 32.54 -5.87
N ILE C 285 -12.11 33.56 -6.34
CA ILE C 285 -10.72 33.37 -6.82
C ILE C 285 -9.80 32.94 -5.66
N SER C 286 -9.97 33.59 -4.49
CA SER C 286 -9.21 33.17 -3.31
C SER C 286 -9.51 31.74 -2.91
N PHE C 287 -10.79 31.41 -2.90
CA PHE C 287 -11.23 30.05 -2.62
C PHE C 287 -10.53 29.04 -3.56
N ILE C 288 -10.50 29.34 -4.87
CA ILE C 288 -9.86 28.44 -5.85
C ILE C 288 -8.33 28.33 -5.63
N ALA C 289 -7.67 29.43 -5.28
CA ALA C 289 -6.23 29.40 -4.94
C ALA C 289 -5.98 28.50 -3.72
N ASN C 290 -6.83 28.60 -2.71
CA ASN C 290 -6.77 27.70 -1.53
C ASN C 290 -6.89 26.24 -1.91
N LYS C 291 -7.88 25.95 -2.75
CA LYS C 291 -8.14 24.58 -3.23
C LYS C 291 -6.92 24.01 -3.97
N ARG C 292 -6.30 24.80 -4.85
CA ARG C 292 -5.10 24.33 -5.56
C ARG C 292 -3.93 24.12 -4.61
N ALA C 293 -3.80 24.97 -3.60
CA ALA C 293 -2.76 24.79 -2.60
C ALA C 293 -2.97 23.50 -1.81
N VAL C 294 -4.23 23.14 -1.51
CA VAL C 294 -4.53 21.90 -0.77
C VAL C 294 -4.20 20.70 -1.68
N GLN C 295 -4.57 20.81 -2.94
CA GLN C 295 -4.27 19.75 -3.90
C GLN C 295 -2.79 19.47 -4.12
N LEU C 296 -1.97 20.51 -3.96
CA LEU C 296 -0.52 20.43 -4.02
C LEU C 296 0.09 19.95 -2.70
N GLY C 297 -0.73 19.74 -1.66
CA GLY C 297 -0.26 19.36 -0.35
C GLY C 297 0.46 20.47 0.38
N GLU C 299 0.34 24.87 1.92
CA GLU C 299 -0.51 25.67 2.82
C GLU C 299 -1.27 26.73 2.04
N LYS C 300 -2.51 26.94 2.41
CA LYS C 300 -3.40 27.90 1.78
C LYS C 300 -2.94 29.34 1.87
N PRO C 301 -2.99 30.09 0.75
CA PRO C 301 -2.64 31.50 0.86
C PRO C 301 -3.67 32.38 1.60
N TYR C 302 -4.95 31.97 1.56
CA TYR C 302 -6.06 32.75 2.13
C TYR C 302 -6.85 31.92 3.13
N PRO C 303 -6.20 31.52 4.24
CA PRO C 303 -6.84 30.63 5.22
C PRO C 303 -8.19 31.09 5.76
N GLU C 304 -8.42 32.40 5.79
CA GLU C 304 -9.65 32.98 6.27
C GLU C 304 -10.86 32.68 5.38
N ILE C 305 -10.59 32.32 4.11
CA ILE C 305 -11.61 31.95 3.11
C ILE C 305 -11.79 30.44 3.12
N LYS C 306 -12.85 30.00 3.79
CA LYS C 306 -13.13 28.61 3.99
C LYS C 306 -14.25 28.09 3.09
N HIS C 307 -15.06 29.00 2.54
CA HIS C 307 -16.24 28.60 1.78
C HIS C 307 -16.36 29.19 0.39
N ASN C 308 -16.88 28.36 -0.52
CA ASN C 308 -17.11 28.73 -1.90
C ASN C 308 -18.30 29.63 -1.93
N PRO C 309 -18.13 30.89 -2.34
CA PRO C 309 -19.24 31.82 -2.39
C PRO C 309 -20.09 31.69 -3.68
N LYS C 311 -21.28 28.55 -5.11
CA LYS C 311 -21.68 27.13 -5.12
C LYS C 311 -22.64 26.81 -6.27
N TRP C 312 -23.43 27.80 -6.71
CA TRP C 312 -24.31 27.65 -7.90
C TRP C 312 -23.55 27.09 -9.13
N ILE C 313 -22.24 27.38 -9.24
CA ILE C 313 -21.39 26.82 -10.31
C ILE C 313 -21.35 25.27 -10.30
N ARG C 314 -21.49 24.64 -9.12
CA ARG C 314 -21.47 23.14 -8.99
C ARG C 314 -22.58 22.38 -9.75
#